data_1GBN
#
_entry.id   1GBN
#
_cell.length_a   115.013
_cell.length_b   115.013
_cell.length_c   185.753
_cell.angle_alpha   90.00
_cell.angle_beta   90.00
_cell.angle_gamma   120.00
#
_symmetry.space_group_name_H-M   'P 32 2 1'
#
loop_
_entity.id
_entity.type
_entity.pdbx_description
1 polymer 'ORNITHINE AMINOTRANSFERASE'
2 non-polymer '3-AMINOBENZOIC ACID'
3 non-polymer "PYRIDOXAL-5'-PHOSPHATE"
4 non-polymer GABACULINE
5 water water
#
_entity_poly.entity_id   1
_entity_poly.type   'polypeptide(L)'
_entity_poly.pdbx_seq_one_letter_code
;PTSDDIFEREYKYGAHNYHPLPVALERGKGIYLWDVEGRKYFDFLSSYSAVNQGHCHPKIVNALKSQVDKLTLTSRAFYN
NVLGEYEEYITKLFNYHKVLPMNTGVEAGETACKLARKWGYTVKGIQKYKAKIVFAAGNFWGRTLSAISSSTDPTSYDGF
GPFMPGFDIIPYNDLPALERALQDPNVAAFMVEPIQGEAGVVVPDPGYLMGVRELCTRHQVLFIADEIQTGLARTGRWLA
VDYENVRPDIVLLGKALSGGLYPVSAVLCDDDIMLTIKPGEHGSTYGGNPLGCRVAIAALEVLEEENLAENADKLGIILR
NELMKLPSDVVTAVRGKGLLNAIVIKETKDWDAWKVCLRLRDNGLLAKPTHGDIIRFAPPLVIKEDELRESIEIINKTIL
SF
;
_entity_poly.pdbx_strand_id   A,B,C
#
# COMPACT_ATOMS: atom_id res chain seq x y z
N PRO A 1 34.73 -2.62 -23.70
CA PRO A 1 36.20 -2.68 -23.57
C PRO A 1 36.95 -1.36 -23.46
N THR A 2 36.56 -0.36 -24.26
CA THR A 2 37.23 0.95 -24.21
C THR A 2 36.38 1.92 -23.41
N SER A 3 37.02 2.91 -22.78
CA SER A 3 36.30 3.91 -22.00
C SER A 3 35.17 4.50 -22.84
N ASP A 4 35.50 4.98 -24.04
CA ASP A 4 34.48 5.55 -24.92
C ASP A 4 33.41 4.52 -25.30
N ASP A 5 33.81 3.26 -25.43
CA ASP A 5 32.87 2.18 -25.78
C ASP A 5 31.91 1.98 -24.60
N ILE A 6 32.45 2.11 -23.39
CA ILE A 6 31.69 1.96 -22.16
C ILE A 6 30.69 3.10 -22.04
N PHE A 7 31.14 4.32 -22.30
CA PHE A 7 30.29 5.49 -22.23
C PHE A 7 29.18 5.31 -23.27
N GLU A 8 29.59 4.92 -24.48
CA GLU A 8 28.69 4.70 -25.61
C GLU A 8 27.60 3.66 -25.31
N ARG A 9 28.00 2.54 -24.72
CA ARG A 9 27.07 1.48 -24.40
C ARG A 9 26.04 1.91 -23.36
N GLU A 10 26.50 2.53 -22.27
CA GLU A 10 25.59 2.98 -21.23
C GLU A 10 24.60 4.01 -21.77
N TYR A 11 25.09 4.90 -22.63
CA TYR A 11 24.24 5.93 -23.22
C TYR A 11 23.11 5.31 -24.05
N LYS A 12 23.37 4.14 -24.61
CA LYS A 12 22.39 3.47 -25.44
C LYS A 12 21.38 2.60 -24.69
N TYR A 13 21.85 1.86 -23.68
CA TYR A 13 20.99 0.95 -22.94
C TYR A 13 20.61 1.37 -21.54
N GLY A 14 21.12 2.51 -21.09
CA GLY A 14 20.81 2.96 -19.75
C GLY A 14 20.15 4.32 -19.72
N ALA A 15 19.35 4.54 -18.68
CA ALA A 15 18.66 5.81 -18.50
C ALA A 15 19.70 6.92 -18.36
N HIS A 16 19.35 8.13 -18.77
CA HIS A 16 20.27 9.26 -18.69
C HIS A 16 20.03 10.07 -17.43
N ASN A 17 19.86 9.40 -16.30
CA ASN A 17 19.62 10.09 -15.03
C ASN A 17 20.91 10.59 -14.40
N TYR A 18 22.04 10.35 -15.08
CA TYR A 18 23.35 10.79 -14.61
C TYR A 18 24.21 11.33 -15.72
N HIS A 19 25.19 12.13 -15.33
CA HIS A 19 26.16 12.68 -16.25
C HIS A 19 27.46 12.58 -15.46
N PRO A 20 28.05 11.38 -15.39
CA PRO A 20 29.29 11.11 -14.66
C PRO A 20 30.50 11.78 -15.28
N LEU A 21 31.59 11.75 -14.53
CA LEU A 21 32.86 12.30 -15.00
C LEU A 21 33.32 11.21 -15.98
N PRO A 22 33.71 11.60 -17.20
CA PRO A 22 34.16 10.62 -18.20
C PRO A 22 35.42 9.83 -17.82
N VAL A 23 35.22 8.82 -16.99
CA VAL A 23 36.30 7.92 -16.53
C VAL A 23 35.59 6.58 -16.38
N ALA A 24 36.17 5.51 -16.90
CA ALA A 24 35.56 4.19 -16.81
C ALA A 24 36.40 3.24 -15.96
N LEU A 25 36.10 3.18 -14.67
CA LEU A 25 36.83 2.33 -13.74
C LEU A 25 36.46 0.85 -13.84
N GLU A 26 37.44 -0.01 -13.56
CA GLU A 26 37.23 -1.45 -13.61
C GLU A 26 37.82 -2.14 -12.38
N ARG A 27 38.65 -1.43 -11.63
CA ARG A 27 39.26 -2.00 -10.43
C ARG A 27 39.54 -0.94 -9.38
N GLY A 28 39.50 -1.33 -8.12
CA GLY A 28 39.77 -0.41 -7.05
C GLY A 28 40.26 -1.17 -5.84
N LYS A 29 41.25 -0.62 -5.15
CA LYS A 29 41.80 -1.24 -3.96
C LYS A 29 42.28 -0.11 -3.07
N GLY A 30 41.78 -0.07 -1.84
CA GLY A 30 42.15 0.99 -0.93
C GLY A 30 41.73 2.35 -1.47
N ILE A 31 42.68 3.27 -1.52
CA ILE A 31 42.43 4.63 -2.00
C ILE A 31 42.58 4.76 -3.52
N TYR A 32 42.87 3.67 -4.20
CA TYR A 32 43.07 3.73 -5.64
C TYR A 32 42.01 3.08 -6.50
N LEU A 33 41.87 3.64 -7.71
CA LEU A 33 40.93 3.16 -8.72
C LEU A 33 41.71 3.08 -10.02
N TRP A 34 41.39 2.10 -10.85
CA TRP A 34 42.06 1.92 -12.14
C TRP A 34 41.01 1.85 -13.24
N ASP A 35 41.20 2.59 -14.33
CA ASP A 35 40.23 2.54 -15.42
C ASP A 35 40.57 1.42 -16.40
N VAL A 36 39.75 1.24 -17.42
CA VAL A 36 39.98 0.18 -18.40
C VAL A 36 41.29 0.29 -19.17
N GLU A 37 41.93 1.45 -19.15
CA GLU A 37 43.21 1.63 -19.83
C GLU A 37 44.37 1.37 -18.88
N GLY A 38 44.07 0.93 -17.68
CA GLY A 38 45.11 0.65 -16.70
C GLY A 38 45.58 1.85 -15.90
N ARG A 39 45.09 3.04 -16.25
CA ARG A 39 45.48 4.26 -15.55
C ARG A 39 45.01 4.24 -14.08
N LYS A 40 45.94 4.51 -13.17
CA LYS A 40 45.66 4.53 -11.73
C LYS A 40 45.20 5.92 -11.31
N TYR A 41 44.32 5.98 -10.31
CA TYR A 41 43.79 7.25 -9.81
C TYR A 41 43.60 7.23 -8.31
N PHE A 42 43.69 8.41 -7.70
CA PHE A 42 43.45 8.57 -6.26
C PHE A 42 41.94 8.78 -6.20
N ASP A 43 41.25 8.10 -5.30
CA ASP A 43 39.82 8.27 -5.19
C ASP A 43 39.52 9.33 -4.13
N PHE A 44 39.15 10.52 -4.59
CA PHE A 44 38.83 11.60 -3.67
C PHE A 44 37.33 11.85 -3.54
N LEU A 45 36.57 10.77 -3.67
CA LEU A 45 35.12 10.83 -3.57
C LEU A 45 34.60 9.72 -2.64
N SER A 46 35.32 8.60 -2.59
CA SER A 46 34.94 7.46 -1.76
C SER A 46 33.51 6.99 -1.98
N SER A 47 33.05 7.02 -3.23
CA SER A 47 31.70 6.62 -3.57
C SER A 47 30.70 7.35 -2.68
N TYR A 48 30.91 8.65 -2.53
CA TYR A 48 30.06 9.51 -1.71
C TYR A 48 30.03 9.08 -0.26
N SER A 49 31.20 8.66 0.23
CA SER A 49 31.39 8.23 1.61
C SER A 49 30.93 6.79 1.91
N ALA A 50 30.85 5.97 0.88
CA ALA A 50 30.45 4.57 1.04
C ALA A 50 31.65 3.65 1.24
N VAL A 51 32.81 4.03 0.72
CA VAL A 51 34.01 3.22 0.85
C VAL A 51 35.05 3.84 1.80
N ASN A 52 34.62 4.19 3.01
CA ASN A 52 35.50 4.78 4.03
C ASN A 52 36.71 3.88 4.31
N GLN A 53 36.45 2.58 4.36
CA GLN A 53 37.46 1.56 4.64
C GLN A 53 38.33 1.24 3.42
N GLY A 54 38.12 1.95 2.32
CA GLY A 54 38.88 1.71 1.12
C GLY A 54 38.19 0.68 0.26
N HIS A 55 38.48 0.69 -1.05
CA HIS A 55 37.86 -0.27 -1.97
C HIS A 55 38.31 -1.69 -1.70
N CYS A 56 37.36 -2.61 -1.79
CA CYS A 56 37.61 -4.04 -1.61
C CYS A 56 38.49 -4.38 -0.41
N HIS A 57 38.13 -3.86 0.75
CA HIS A 57 38.90 -4.13 1.95
C HIS A 57 38.87 -5.63 2.23
N PRO A 58 40.05 -6.28 2.25
CA PRO A 58 40.19 -7.73 2.48
C PRO A 58 39.33 -8.31 3.59
N LYS A 59 39.31 -7.66 4.76
CA LYS A 59 38.50 -8.16 5.87
C LYS A 59 37.00 -8.23 5.56
N ILE A 60 36.47 -7.18 4.93
CA ILE A 60 35.05 -7.12 4.59
C ILE A 60 34.77 -8.12 3.45
N VAL A 61 35.70 -8.19 2.49
CA VAL A 61 35.58 -9.11 1.36
C VAL A 61 35.50 -10.55 1.87
N ASN A 62 36.34 -10.88 2.85
CA ASN A 62 36.36 -12.22 3.43
C ASN A 62 35.01 -12.55 4.05
N ALA A 63 34.47 -11.60 4.81
CA ALA A 63 33.18 -11.76 5.48
C ALA A 63 32.10 -12.10 4.45
N LEU A 64 32.12 -11.39 3.32
CA LEU A 64 31.16 -11.62 2.26
C LEU A 64 31.34 -13.02 1.67
N LYS A 65 32.59 -13.36 1.36
CA LYS A 65 32.92 -14.65 0.77
C LYS A 65 32.58 -15.86 1.65
N SER A 66 32.75 -15.73 2.95
CA SER A 66 32.45 -16.84 3.84
C SER A 66 30.95 -17.07 3.96
N GLN A 67 30.21 -15.99 4.14
CA GLN A 67 28.76 -16.07 4.28
C GLN A 67 27.99 -16.49 3.02
N VAL A 68 28.46 -16.08 1.84
CA VAL A 68 27.76 -16.43 0.60
C VAL A 68 27.60 -17.94 0.38
N ASP A 69 28.53 -18.73 0.90
CA ASP A 69 28.48 -20.17 0.75
C ASP A 69 27.49 -20.82 1.73
N LYS A 70 27.08 -20.04 2.73
CA LYS A 70 26.17 -20.55 3.75
C LYS A 70 24.72 -20.17 3.58
N LEU A 71 24.45 -18.86 3.55
CA LEU A 71 23.08 -18.36 3.43
C LEU A 71 23.15 -16.88 3.06
N THR A 72 22.26 -16.42 2.19
CA THR A 72 22.27 -15.03 1.79
C THR A 72 20.96 -14.32 2.09
N LEU A 73 19.85 -15.03 1.94
CA LEU A 73 18.53 -14.45 2.18
C LEU A 73 17.47 -15.51 2.48
N THR A 74 16.74 -15.29 3.58
CA THR A 74 15.67 -16.18 4.00
C THR A 74 14.36 -15.39 4.01
N SER A 75 14.53 -14.08 4.14
CA SER A 75 13.46 -13.08 4.24
C SER A 75 13.15 -13.02 5.72
N ARG A 76 12.46 -11.96 6.13
CA ARG A 76 12.13 -11.80 7.53
C ARG A 76 10.92 -12.63 7.97
N ALA A 77 10.49 -13.53 7.09
CA ALA A 77 9.38 -14.43 7.40
C ALA A 77 9.90 -15.43 8.44
N PHE A 78 11.20 -15.70 8.39
CA PHE A 78 11.85 -16.64 9.30
C PHE A 78 13.06 -15.93 9.90
N TYR A 79 13.67 -16.54 10.90
CA TYR A 79 14.87 -15.98 11.53
C TYR A 79 16.11 -16.54 10.86
N ASN A 80 17.21 -15.79 10.95
CA ASN A 80 18.49 -16.22 10.42
C ASN A 80 19.44 -15.99 11.59
N ASN A 81 20.42 -16.88 11.76
CA ASN A 81 21.37 -16.79 12.86
C ASN A 81 22.28 -15.55 12.94
N VAL A 82 22.47 -14.87 11.82
CA VAL A 82 23.36 -13.71 11.77
C VAL A 82 22.81 -12.35 12.26
N LEU A 83 21.58 -12.02 11.86
CA LEU A 83 20.98 -10.73 12.21
C LEU A 83 21.09 -10.30 13.66
N GLY A 84 20.68 -11.16 14.58
CA GLY A 84 20.74 -10.83 16.00
C GLY A 84 22.12 -10.52 16.51
N GLU A 85 23.13 -11.17 15.93
CA GLU A 85 24.53 -10.95 16.33
C GLU A 85 24.91 -9.54 15.93
N TYR A 86 24.54 -9.16 14.72
CA TYR A 86 24.83 -7.83 14.20
C TYR A 86 24.09 -6.76 15.00
N GLU A 87 22.82 -7.01 15.30
CA GLU A 87 22.01 -6.08 16.06
C GLU A 87 22.65 -5.78 17.42
N GLU A 88 23.02 -6.83 18.15
CA GLU A 88 23.65 -6.67 19.45
C GLU A 88 24.93 -5.85 19.33
N TYR A 89 25.68 -6.14 18.28
CA TYR A 89 26.93 -5.44 18.02
C TYR A 89 26.76 -3.94 17.80
N ILE A 90 25.95 -3.59 16.80
CA ILE A 90 25.72 -2.19 16.46
C ILE A 90 24.99 -1.36 17.52
N THR A 91 24.03 -1.97 18.21
CA THR A 91 23.29 -1.24 19.24
C THR A 91 24.22 -0.88 20.40
N LYS A 92 25.09 -1.80 20.77
CA LYS A 92 26.04 -1.57 21.84
C LYS A 92 27.15 -0.62 21.43
N LEU A 93 27.56 -0.72 20.17
CA LEU A 93 28.59 0.17 19.66
C LEU A 93 28.12 1.61 19.73
N PHE A 94 26.90 1.88 19.24
CA PHE A 94 26.36 3.23 19.24
C PHE A 94 25.53 3.62 20.48
N ASN A 95 25.33 2.66 21.37
CA ASN A 95 24.61 2.87 22.62
C ASN A 95 23.12 3.22 22.49
N TYR A 96 22.39 2.42 21.73
CA TYR A 96 20.94 2.61 21.55
C TYR A 96 20.28 1.27 21.83
N HIS A 97 19.04 1.30 22.30
CA HIS A 97 18.33 0.06 22.60
C HIS A 97 18.22 -0.90 21.42
N LYS A 98 17.70 -0.40 20.30
CA LYS A 98 17.50 -1.26 19.15
C LYS A 98 17.94 -0.65 17.82
N VAL A 99 17.86 -1.47 16.78
CA VAL A 99 18.22 -1.05 15.43
C VAL A 99 17.19 -1.66 14.48
N LEU A 100 16.83 -0.90 13.46
CA LEU A 100 15.88 -1.35 12.45
C LEU A 100 16.75 -1.43 11.20
N PRO A 101 16.99 -2.65 10.69
CA PRO A 101 17.82 -2.86 9.50
C PRO A 101 17.09 -2.64 8.17
N MET A 102 17.73 -1.89 7.28
CA MET A 102 17.17 -1.62 5.96
C MET A 102 18.31 -1.73 4.95
N ASN A 103 18.06 -1.37 3.70
CA ASN A 103 19.09 -1.52 2.67
C ASN A 103 19.76 -0.23 2.21
N THR A 104 18.98 0.74 1.74
CA THR A 104 19.55 1.97 1.25
C THR A 104 19.36 3.12 2.22
N GLY A 105 20.06 4.22 1.95
CA GLY A 105 19.98 5.40 2.80
C GLY A 105 18.59 6.00 2.86
N VAL A 106 17.92 6.14 1.72
CA VAL A 106 16.57 6.70 1.68
C VAL A 106 15.64 5.88 2.55
N GLU A 107 15.79 4.56 2.48
CA GLU A 107 14.95 3.67 3.25
C GLU A 107 15.09 3.91 4.75
N ALA A 108 16.32 4.22 5.18
CA ALA A 108 16.55 4.51 6.60
C ALA A 108 15.79 5.82 6.90
N GLY A 109 15.88 6.76 5.98
CA GLY A 109 15.19 8.04 6.13
C GLY A 109 13.69 7.84 6.24
N GLU A 110 13.13 7.05 5.33
CA GLU A 110 11.69 6.77 5.32
C GLU A 110 11.27 6.14 6.64
N THR A 111 12.09 5.20 7.11
CA THR A 111 11.83 4.50 8.37
C THR A 111 11.80 5.50 9.52
N ALA A 112 12.72 6.47 9.51
CA ALA A 112 12.77 7.48 10.55
C ALA A 112 11.50 8.33 10.52
N CYS A 113 11.07 8.72 9.32
CA CYS A 113 9.85 9.52 9.17
C CYS A 113 8.65 8.74 9.70
N LYS A 114 8.63 7.43 9.43
CA LYS A 114 7.54 6.58 9.89
C LYS A 114 7.59 6.40 11.41
N LEU A 115 8.79 6.30 11.96
CA LEU A 115 8.96 6.17 13.41
C LEU A 115 8.47 7.48 14.05
N ALA A 116 8.95 8.60 13.54
CA ALA A 116 8.59 9.93 14.05
C ALA A 116 7.09 10.12 14.03
N ARG A 117 6.46 9.81 12.89
CA ARG A 117 5.02 9.95 12.75
C ARG A 117 4.27 9.03 13.70
N LYS A 118 4.62 7.76 13.68
CA LYS A 118 3.98 6.75 14.54
C LYS A 118 4.09 7.16 16.00
N TRP A 119 5.28 7.62 16.39
CA TRP A 119 5.54 8.06 17.76
C TRP A 119 4.71 9.30 18.07
N GLY A 120 4.65 10.23 17.10
CA GLY A 120 3.89 11.44 17.28
C GLY A 120 2.44 11.19 17.63
N TYR A 121 1.86 10.20 16.99
CA TYR A 121 0.46 9.85 17.23
C TYR A 121 0.21 8.99 18.45
N THR A 122 0.98 7.90 18.58
CA THR A 122 0.81 6.96 19.67
C THR A 122 1.39 7.39 21.02
N VAL A 123 2.48 8.14 20.99
CA VAL A 123 3.12 8.57 22.24
C VAL A 123 2.95 10.05 22.54
N LYS A 124 3.19 10.92 21.55
CA LYS A 124 3.04 12.35 21.80
C LYS A 124 1.57 12.76 21.88
N GLY A 125 0.73 12.07 21.10
CA GLY A 125 -0.69 12.36 21.13
C GLY A 125 -1.18 13.30 20.05
N ILE A 126 -0.39 13.50 19.00
CA ILE A 126 -0.79 14.36 17.90
C ILE A 126 -2.02 13.74 17.22
N GLN A 127 -2.96 14.57 16.78
CA GLN A 127 -4.14 14.04 16.12
C GLN A 127 -3.77 13.43 14.78
N LYS A 128 -4.40 12.31 14.47
CA LYS A 128 -4.16 11.58 13.24
C LYS A 128 -4.02 12.37 11.96
N TYR A 129 -2.80 12.27 11.44
CA TYR A 129 -2.33 12.86 10.21
C TYR A 129 -2.09 14.36 10.17
N LYS A 130 -1.86 14.93 11.35
CA LYS A 130 -1.55 16.34 11.49
C LYS A 130 -0.10 16.51 11.91
N ALA A 131 0.62 15.40 12.01
CA ALA A 131 2.01 15.41 12.40
C ALA A 131 2.92 15.95 11.31
N LYS A 132 3.91 16.74 11.70
CA LYS A 132 4.85 17.29 10.73
C LYS A 132 6.29 17.04 11.13
N ILE A 133 7.15 16.95 10.13
CA ILE A 133 8.56 16.72 10.33
C ILE A 133 9.24 17.92 9.69
N VAL A 134 10.16 18.53 10.43
CA VAL A 134 10.88 19.70 9.95
C VAL A 134 12.21 19.26 9.37
N PHE A 135 12.61 19.90 8.28
CA PHE A 135 13.87 19.62 7.61
C PHE A 135 14.59 20.94 7.41
N ALA A 136 15.89 20.88 7.19
CA ALA A 136 16.68 22.08 6.96
C ALA A 136 16.90 22.23 5.46
N ALA A 137 16.81 23.44 4.95
CA ALA A 137 17.02 23.72 3.53
C ALA A 137 18.40 23.22 3.12
N GLY A 138 18.51 22.69 1.90
CA GLY A 138 19.78 22.18 1.41
C GLY A 138 19.95 20.72 1.73
N ASN A 139 19.00 20.14 2.46
CA ASN A 139 19.06 18.73 2.83
C ASN A 139 18.99 17.80 1.62
N PHE A 140 19.57 16.63 1.77
CA PHE A 140 19.52 15.63 0.72
C PHE A 140 19.58 14.28 1.39
N TRP A 141 18.51 13.50 1.27
CA TRP A 141 18.50 12.19 1.90
C TRP A 141 17.98 11.08 1.00
N GLY A 142 17.99 11.32 -0.31
CA GLY A 142 17.52 10.29 -1.22
C GLY A 142 16.70 10.80 -2.39
N ARG A 143 16.10 9.87 -3.13
CA ARG A 143 15.32 10.20 -4.32
C ARG A 143 13.87 9.69 -4.33
N THR A 144 13.35 9.29 -3.19
CA THR A 144 11.97 8.82 -3.15
C THR A 144 11.08 10.06 -3.19
N LEU A 145 9.81 9.87 -3.54
CA LEU A 145 8.86 10.97 -3.61
C LEU A 145 8.91 11.78 -2.32
N SER A 146 8.92 11.08 -1.18
CA SER A 146 8.99 11.72 0.14
C SER A 146 10.27 12.51 0.35
N ALA A 147 11.39 11.92 -0.05
CA ALA A 147 12.68 12.56 0.13
C ALA A 147 12.78 13.85 -0.67
N ILE A 148 12.35 13.82 -1.92
CA ILE A 148 12.41 15.02 -2.76
C ILE A 148 11.40 16.08 -2.30
N SER A 149 10.39 15.65 -1.54
CA SER A 149 9.38 16.57 -1.03
C SER A 149 9.96 17.52 0.02
N SER A 150 11.03 17.11 0.68
CA SER A 150 11.66 17.96 1.68
C SER A 150 12.81 18.76 1.09
N SER A 151 13.09 18.52 -0.18
CA SER A 151 14.19 19.19 -0.88
C SER A 151 13.90 20.61 -1.31
N THR A 152 14.91 21.48 -1.23
CA THR A 152 14.76 22.85 -1.69
C THR A 152 15.53 22.99 -3.02
N ASP A 153 16.01 21.87 -3.53
CA ASP A 153 16.74 21.83 -4.79
C ASP A 153 15.80 21.42 -5.93
N PRO A 154 15.53 22.34 -6.86
CA PRO A 154 14.65 22.09 -8.02
C PRO A 154 14.98 20.85 -8.83
N THR A 155 16.27 20.51 -8.91
CA THR A 155 16.68 19.34 -9.68
C THR A 155 16.12 18.03 -9.12
N SER A 156 15.82 18.02 -7.82
CA SER A 156 15.28 16.82 -7.18
C SER A 156 13.77 16.72 -7.23
N TYR A 157 13.09 17.86 -7.05
CA TYR A 157 11.64 17.83 -7.03
C TYR A 157 10.88 18.32 -8.25
N ASP A 158 11.50 19.16 -9.06
CA ASP A 158 10.80 19.69 -10.23
C ASP A 158 10.34 18.60 -11.19
N GLY A 159 9.05 18.64 -11.53
CA GLY A 159 8.49 17.68 -12.45
C GLY A 159 8.05 16.37 -11.82
N PHE A 160 8.20 16.26 -10.50
CA PHE A 160 7.83 15.02 -9.86
C PHE A 160 6.53 15.03 -9.04
N GLY A 161 5.44 15.25 -9.77
CA GLY A 161 4.08 15.26 -9.23
C GLY A 161 3.86 15.93 -7.91
N PRO A 162 2.65 15.80 -7.34
CA PRO A 162 2.31 16.40 -6.06
C PRO A 162 3.25 15.87 -4.98
N PHE A 163 3.57 16.72 -4.03
CA PHE A 163 4.50 16.35 -2.98
C PHE A 163 3.88 15.90 -1.66
N MET A 164 4.69 15.24 -0.85
CA MET A 164 4.27 14.74 0.45
C MET A 164 3.95 15.84 1.45
N PRO A 165 2.73 15.82 2.01
CA PRO A 165 2.34 16.83 3.00
C PRO A 165 2.98 16.54 4.35
N GLY A 166 3.01 17.55 5.23
CA GLY A 166 3.58 17.37 6.55
C GLY A 166 5.06 17.64 6.67
N PHE A 167 5.70 18.11 5.60
CA PHE A 167 7.13 18.38 5.61
C PHE A 167 7.43 19.88 5.65
N ASP A 168 7.91 20.38 6.79
CA ASP A 168 8.24 21.80 6.91
C ASP A 168 9.72 22.02 6.75
N ILE A 169 10.10 23.08 6.04
CA ILE A 169 11.51 23.38 5.81
C ILE A 169 11.90 24.71 6.44
N ILE A 170 13.06 24.74 7.10
CA ILE A 170 13.59 25.93 7.74
C ILE A 170 15.05 26.08 7.30
N PRO A 171 15.64 27.27 7.47
CA PRO A 171 17.05 27.41 7.06
C PRO A 171 17.95 26.51 7.93
N TYR A 172 19.06 26.07 7.34
CA TYR A 172 20.02 25.24 8.05
C TYR A 172 20.86 26.15 8.94
N ASN A 173 21.44 25.58 10.01
CA ASN A 173 22.31 26.33 10.90
C ASN A 173 21.60 27.57 11.43
N ASP A 174 20.36 27.36 11.86
CA ASP A 174 19.54 28.46 12.36
C ASP A 174 18.72 28.05 13.59
N LEU A 175 19.27 28.25 14.78
CA LEU A 175 18.55 27.90 16.00
C LEU A 175 17.26 28.69 16.18
N PRO A 176 17.30 30.01 15.91
CA PRO A 176 16.04 30.78 16.07
C PRO A 176 14.91 30.27 15.18
N ALA A 177 15.23 29.89 13.94
CA ALA A 177 14.23 29.38 13.02
C ALA A 177 13.68 28.04 13.52
N LEU A 178 14.57 27.20 14.06
CA LEU A 178 14.15 25.90 14.59
C LEU A 178 13.16 26.13 15.73
N GLU A 179 13.57 26.95 16.70
CA GLU A 179 12.74 27.26 17.86
C GLU A 179 11.38 27.78 17.45
N ARG A 180 11.37 28.65 16.45
CA ARG A 180 10.12 29.23 15.94
C ARG A 180 9.26 28.11 15.37
N ALA A 181 9.90 27.20 14.62
CA ALA A 181 9.19 26.08 14.00
C ALA A 181 8.63 25.10 15.03
N LEU A 182 9.35 24.90 16.13
CA LEU A 182 8.92 23.96 17.17
C LEU A 182 7.82 24.47 18.08
N GLN A 183 7.22 25.61 17.73
CA GLN A 183 6.13 26.17 18.53
C GLN A 183 4.85 25.41 18.19
N ASP A 184 4.82 24.79 17.03
CA ASP A 184 3.66 24.02 16.61
C ASP A 184 3.72 22.66 17.30
N PRO A 185 2.76 22.38 18.19
CA PRO A 185 2.71 21.10 18.91
C PRO A 185 2.55 19.87 18.01
N ASN A 186 2.24 20.09 16.74
CA ASN A 186 2.07 18.97 15.81
C ASN A 186 3.38 18.48 15.19
N VAL A 187 4.48 19.15 15.51
CA VAL A 187 5.78 18.75 14.98
C VAL A 187 6.23 17.53 15.77
N ALA A 188 6.50 16.43 15.06
CA ALA A 188 6.93 15.19 15.69
C ALA A 188 8.46 15.06 15.71
N ALA A 189 9.13 15.58 14.68
CA ALA A 189 10.58 15.47 14.61
C ALA A 189 11.25 16.52 13.75
N PHE A 190 12.57 16.57 13.86
CA PHE A 190 13.42 17.47 13.09
C PHE A 190 14.56 16.58 12.59
N MET A 191 14.66 16.44 11.27
CA MET A 191 15.71 15.61 10.69
C MET A 191 16.83 16.53 10.16
N VAL A 192 18.07 16.29 10.60
CA VAL A 192 19.21 17.08 10.17
C VAL A 192 20.47 16.28 9.96
N GLU A 193 21.33 16.79 9.07
CA GLU A 193 22.61 16.19 8.80
C GLU A 193 23.57 17.05 9.63
N PRO A 194 24.45 16.44 10.43
CA PRO A 194 25.39 17.23 11.24
C PRO A 194 26.21 18.17 10.35
N ILE A 195 26.44 17.74 9.11
CA ILE A 195 27.15 18.49 8.08
C ILE A 195 26.42 18.13 6.79
N GLN A 196 25.97 19.12 6.03
CA GLN A 196 25.27 18.82 4.79
C GLN A 196 26.23 18.49 3.67
N GLY A 197 26.25 17.23 3.26
CA GLY A 197 27.13 16.79 2.20
C GLY A 197 26.84 17.39 0.84
N GLU A 198 25.76 16.94 0.22
CA GLU A 198 25.40 17.41 -1.12
C GLU A 198 25.11 18.89 -1.27
N ALA A 199 24.84 19.57 -0.15
CA ALA A 199 24.61 21.02 -0.20
C ALA A 199 25.95 21.71 -0.50
N GLY A 200 27.04 20.98 -0.30
CA GLY A 200 28.38 21.48 -0.55
C GLY A 200 29.24 21.47 0.70
N VAL A 201 29.10 20.42 1.51
CA VAL A 201 29.83 20.27 2.76
C VAL A 201 29.67 21.53 3.61
N VAL A 202 28.42 21.86 3.91
CA VAL A 202 28.16 23.04 4.72
C VAL A 202 28.18 22.63 6.19
N VAL A 203 29.20 23.09 6.90
CA VAL A 203 29.38 22.80 8.32
C VAL A 203 28.67 23.88 9.13
N PRO A 204 27.78 23.47 10.05
CA PRO A 204 27.06 24.45 10.87
C PRO A 204 28.00 25.06 11.90
N ASP A 205 27.60 26.17 12.50
CA ASP A 205 28.43 26.84 13.50
C ASP A 205 28.54 26.01 14.75
N PRO A 206 29.68 26.09 15.46
CA PRO A 206 29.83 25.32 16.69
C PRO A 206 28.70 25.70 17.66
N GLY A 207 28.09 24.70 18.29
CA GLY A 207 27.01 24.95 19.20
C GLY A 207 25.65 24.66 18.57
N TYR A 208 25.60 24.57 17.24
CA TYR A 208 24.36 24.30 16.54
C TYR A 208 23.70 23.00 16.98
N LEU A 209 24.46 21.91 16.94
CA LEU A 209 23.91 20.61 17.31
C LEU A 209 23.44 20.57 18.76
N MET A 210 24.15 21.28 19.64
CA MET A 210 23.76 21.35 21.05
C MET A 210 22.44 22.10 21.15
N GLY A 211 22.32 23.16 20.36
CA GLY A 211 21.12 23.96 20.36
C GLY A 211 19.94 23.13 19.87
N VAL A 212 20.14 22.38 18.79
CA VAL A 212 19.09 21.53 18.21
C VAL A 212 18.61 20.52 19.25
N ARG A 213 19.56 19.89 19.94
CA ARG A 213 19.24 18.92 20.96
C ARG A 213 18.45 19.56 22.11
N GLU A 214 18.90 20.72 22.57
CA GLU A 214 18.20 21.41 23.65
C GLU A 214 16.78 21.77 23.23
N LEU A 215 16.66 22.32 22.02
CA LEU A 215 15.37 22.74 21.46
C LEU A 215 14.39 21.58 21.29
N CYS A 216 14.86 20.48 20.68
CA CYS A 216 14.02 19.32 20.47
C CYS A 216 13.55 18.72 21.78
N THR A 217 14.45 18.60 22.74
CA THR A 217 14.11 18.05 24.05
C THR A 217 13.06 18.92 24.74
N ARG A 218 13.28 20.22 24.74
CA ARG A 218 12.37 21.14 25.37
C ARG A 218 10.95 21.11 24.79
N HIS A 219 10.84 20.83 23.49
CA HIS A 219 9.55 20.80 22.83
C HIS A 219 9.00 19.42 22.55
N GLN A 220 9.60 18.40 23.16
CA GLN A 220 9.17 17.01 22.97
C GLN A 220 9.12 16.65 21.48
N VAL A 221 10.22 16.96 20.80
CA VAL A 221 10.36 16.69 19.36
C VAL A 221 11.56 15.77 19.19
N LEU A 222 11.43 14.79 18.29
CA LEU A 222 12.52 13.86 18.06
C LEU A 222 13.61 14.50 17.22
N PHE A 223 14.85 14.28 17.63
CA PHE A 223 16.01 14.81 16.94
C PHE A 223 16.53 13.64 16.10
N ILE A 224 16.31 13.72 14.79
CA ILE A 224 16.78 12.67 13.89
C ILE A 224 18.04 13.16 13.20
N ALA A 225 19.15 12.47 13.43
CA ALA A 225 20.42 12.83 12.83
C ALA A 225 20.71 11.93 11.66
N ASP A 226 20.82 12.51 10.48
CA ASP A 226 21.14 11.75 9.28
C ASP A 226 22.66 11.67 9.23
N GLU A 227 23.21 10.54 9.66
CA GLU A 227 24.65 10.33 9.67
C GLU A 227 25.04 9.34 8.57
N ILE A 228 24.19 9.23 7.56
CA ILE A 228 24.41 8.31 6.44
C ILE A 228 25.69 8.64 5.67
N GLN A 229 26.11 9.90 5.70
CA GLN A 229 27.32 10.29 5.00
C GLN A 229 28.40 10.85 5.93
N THR A 230 27.99 11.46 7.04
CA THR A 230 28.95 12.03 7.96
C THR A 230 29.43 11.07 9.05
N GLY A 231 28.69 10.00 9.27
CA GLY A 231 29.06 9.05 10.30
C GLY A 231 30.15 8.07 9.92
N LEU A 232 30.36 7.09 10.78
CA LEU A 232 31.36 6.05 10.58
C LEU A 232 32.77 6.56 10.26
N ALA A 233 33.32 7.34 11.18
CA ALA A 233 34.67 7.90 11.09
C ALA A 233 34.96 8.96 10.02
N ARG A 234 34.06 9.10 9.04
CA ARG A 234 34.26 10.07 7.95
C ARG A 234 34.72 11.47 8.37
N THR A 235 34.05 12.03 9.39
CA THR A 235 34.38 13.38 9.84
C THR A 235 35.41 13.40 10.97
N GLY A 236 35.83 12.23 11.44
CA GLY A 236 36.82 12.18 12.50
C GLY A 236 36.30 11.62 13.81
N ARG A 237 35.05 11.17 13.81
CA ARG A 237 34.44 10.59 15.01
C ARG A 237 33.53 9.46 14.52
N TRP A 238 33.02 8.66 15.45
CA TRP A 238 32.11 7.58 15.06
C TRP A 238 30.89 8.22 14.39
N LEU A 239 30.46 9.35 14.95
CA LEU A 239 29.34 10.12 14.42
C LEU A 239 29.77 11.58 14.49
N ALA A 240 29.47 12.35 13.45
CA ALA A 240 29.84 13.78 13.43
C ALA A 240 29.28 14.50 14.66
N VAL A 241 28.11 14.07 15.10
CA VAL A 241 27.43 14.64 16.26
C VAL A 241 28.26 14.49 17.55
N ASP A 242 29.21 13.55 17.55
CA ASP A 242 30.07 13.32 18.70
C ASP A 242 30.93 14.54 19.01
N TYR A 243 31.15 15.39 18.01
CA TYR A 243 31.94 16.59 18.18
C TYR A 243 31.38 17.53 19.24
N GLU A 244 30.08 17.43 19.49
CA GLU A 244 29.43 18.26 20.48
C GLU A 244 28.80 17.43 21.58
N ASN A 245 29.09 16.14 21.58
CA ASN A 245 28.55 15.23 22.59
C ASN A 245 27.02 15.22 22.60
N VAL A 246 26.41 15.32 21.42
CA VAL A 246 24.96 15.33 21.33
C VAL A 246 24.43 13.93 21.05
N ARG A 247 23.35 13.56 21.73
CA ARG A 247 22.75 12.25 21.51
C ARG A 247 21.38 12.43 20.85
N PRO A 248 21.34 12.25 19.52
CA PRO A 248 20.08 12.39 18.77
C PRO A 248 19.09 11.32 19.25
N ASP A 249 17.82 11.52 18.94
CA ASP A 249 16.81 10.54 19.32
C ASP A 249 16.88 9.35 18.36
N ILE A 250 17.17 9.64 17.10
CA ILE A 250 17.28 8.61 16.07
C ILE A 250 18.52 8.90 15.25
N VAL A 251 19.31 7.87 14.96
CA VAL A 251 20.50 8.03 14.15
C VAL A 251 20.37 7.16 12.90
N LEU A 252 20.67 7.74 11.75
CA LEU A 252 20.59 7.03 10.48
C LEU A 252 21.98 6.74 9.95
N LEU A 253 22.25 5.49 9.62
CA LEU A 253 23.55 5.07 9.11
C LEU A 253 23.33 4.35 7.80
N GLY A 254 24.35 4.38 6.94
CA GLY A 254 24.28 3.72 5.66
C GLY A 254 25.63 3.75 4.99
N LYS A 255 25.64 3.77 3.67
CA LYS A 255 26.88 3.82 2.87
C LYS A 255 28.05 2.99 3.37
N ALA A 256 28.96 3.59 4.14
CA ALA A 256 30.14 2.90 4.65
C ALA A 256 29.85 1.80 5.64
N LEU A 257 28.59 1.62 6.00
CA LEU A 257 28.20 0.56 6.93
C LEU A 257 28.54 -0.83 6.37
N SER A 258 28.86 -0.89 5.09
CA SER A 258 29.19 -2.15 4.43
C SER A 258 30.51 -2.06 3.65
N GLY A 259 31.16 -0.91 3.74
CA GLY A 259 32.40 -0.71 3.01
C GLY A 259 32.20 -0.67 1.50
N GLY A 260 30.95 -0.52 1.08
CA GLY A 260 30.62 -0.46 -0.34
C GLY A 260 30.46 -1.82 -0.97
N LEU A 261 30.34 -2.86 -0.16
CA LEU A 261 30.20 -4.22 -0.66
C LEU A 261 28.77 -4.72 -0.69
N TYR A 262 27.85 -3.97 -0.08
CA TYR A 262 26.47 -4.40 -0.02
C TYR A 262 25.61 -3.24 0.48
N PRO A 263 24.39 -3.07 -0.05
CA PRO A 263 23.55 -1.97 0.42
C PRO A 263 23.01 -2.30 1.81
N VAL A 264 23.60 -1.70 2.83
CA VAL A 264 23.17 -1.93 4.21
C VAL A 264 22.89 -0.57 4.84
N SER A 265 21.75 -0.45 5.52
CA SER A 265 21.34 0.78 6.15
C SER A 265 20.83 0.49 7.56
N ALA A 266 20.87 1.48 8.43
CA ALA A 266 20.42 1.26 9.80
C ALA A 266 19.81 2.49 10.46
N VAL A 267 18.79 2.27 11.29
CA VAL A 267 18.14 3.34 12.02
C VAL A 267 18.13 2.92 13.50
N LEU A 268 18.85 3.70 14.31
CA LEU A 268 19.02 3.44 15.72
C LEU A 268 18.22 4.36 16.62
N CYS A 269 17.57 3.78 17.63
CA CYS A 269 16.81 4.55 18.60
C CYS A 269 16.41 3.66 19.77
N ASP A 270 15.94 4.28 20.85
CA ASP A 270 15.52 3.54 22.04
C ASP A 270 14.12 2.95 21.90
N ASP A 271 13.78 2.07 22.83
CA ASP A 271 12.49 1.38 22.85
C ASP A 271 11.25 2.26 22.80
N ASP A 272 11.22 3.35 23.56
CA ASP A 272 10.06 4.23 23.57
C ASP A 272 9.70 4.73 22.16
N ILE A 273 10.69 4.81 21.28
CA ILE A 273 10.46 5.25 19.92
C ILE A 273 10.34 4.06 18.97
N MET A 274 11.33 3.19 19.00
CA MET A 274 11.40 2.02 18.13
C MET A 274 10.17 1.12 18.20
N LEU A 275 9.70 0.86 19.41
CA LEU A 275 8.56 -0.02 19.60
C LEU A 275 7.17 0.53 19.27
N THR A 276 7.12 1.72 18.68
CA THR A 276 5.83 2.29 18.29
C THR A 276 5.35 1.54 17.04
N ILE A 277 6.28 0.94 16.33
CA ILE A 277 5.98 0.17 15.13
C ILE A 277 5.82 -1.30 15.54
N LYS A 278 4.61 -1.82 15.33
CA LYS A 278 4.27 -3.20 15.67
C LYS A 278 4.64 -4.19 14.57
N PRO A 279 4.60 -5.50 14.88
CA PRO A 279 4.92 -6.54 13.92
C PRO A 279 4.01 -6.44 12.70
N GLY A 280 4.62 -6.46 11.52
CA GLY A 280 3.86 -6.38 10.28
C GLY A 280 3.57 -4.98 9.80
N GLU A 281 4.04 -3.97 10.51
CA GLU A 281 3.78 -2.58 10.11
C GLU A 281 4.89 -1.91 9.32
N HIS A 282 6.05 -2.55 9.22
CA HIS A 282 7.16 -1.99 8.47
C HIS A 282 8.20 -3.04 8.19
N GLY A 283 8.84 -2.95 7.03
CA GLY A 283 9.85 -3.93 6.69
C GLY A 283 10.52 -3.69 5.36
N SER A 284 11.11 -4.76 4.83
CA SER A 284 11.82 -4.74 3.56
C SER A 284 12.22 -6.19 3.28
N THR A 285 12.23 -6.58 2.01
CA THR A 285 12.61 -7.95 1.66
C THR A 285 14.05 -8.27 2.06
N TYR A 286 14.99 -7.43 1.66
CA TYR A 286 16.40 -7.64 1.97
C TYR A 286 16.91 -7.12 3.31
N GLY A 287 16.13 -6.27 3.96
CA GLY A 287 16.54 -5.71 5.24
C GLY A 287 16.87 -6.73 6.29
N GLY A 288 18.11 -6.69 6.79
CA GLY A 288 18.54 -7.62 7.83
C GLY A 288 18.94 -9.00 7.35
N ASN A 289 19.25 -9.12 6.05
CA ASN A 289 19.66 -10.42 5.51
C ASN A 289 21.03 -10.82 6.06
N PRO A 290 21.31 -12.13 6.14
CA PRO A 290 22.57 -12.72 6.64
C PRO A 290 23.83 -12.15 6.02
N LEU A 291 23.86 -12.10 4.69
CA LEU A 291 25.01 -11.62 3.95
C LEU A 291 25.35 -10.18 4.30
N GLY A 292 24.36 -9.29 4.25
CA GLY A 292 24.58 -7.89 4.56
C GLY A 292 25.03 -7.69 5.99
N CYS A 293 24.55 -8.53 6.91
CA CYS A 293 24.91 -8.41 8.30
C CYS A 293 26.37 -8.74 8.58
N ARG A 294 26.88 -9.77 7.89
CA ARG A 294 28.28 -10.15 8.09
C ARG A 294 29.20 -9.06 7.57
N VAL A 295 28.87 -8.50 6.40
CA VAL A 295 29.70 -7.43 5.85
C VAL A 295 29.63 -6.19 6.73
N ALA A 296 28.46 -5.93 7.30
CA ALA A 296 28.27 -4.78 8.18
C ALA A 296 29.13 -4.89 9.43
N ILE A 297 29.13 -6.07 10.06
CA ILE A 297 29.92 -6.32 11.25
C ILE A 297 31.39 -6.12 10.92
N ALA A 298 31.82 -6.69 9.80
CA ALA A 298 33.21 -6.58 9.36
C ALA A 298 33.61 -5.14 9.06
N ALA A 299 32.74 -4.41 8.37
CA ALA A 299 32.98 -3.02 8.02
C ALA A 299 33.14 -2.15 9.26
N LEU A 300 32.34 -2.44 10.28
CA LEU A 300 32.40 -1.69 11.53
C LEU A 300 33.69 -2.02 12.28
N GLU A 301 34.07 -3.30 12.27
CA GLU A 301 35.28 -3.72 12.95
C GLU A 301 36.51 -3.04 12.33
N VAL A 302 36.55 -2.98 11.00
CA VAL A 302 37.67 -2.34 10.32
C VAL A 302 37.83 -0.92 10.83
N LEU A 303 36.73 -0.17 10.87
CA LEU A 303 36.73 1.21 11.35
C LEU A 303 37.30 1.32 12.77
N GLU A 304 36.95 0.35 13.60
CA GLU A 304 37.40 0.29 14.98
C GLU A 304 38.88 -0.07 15.08
N GLU A 305 39.22 -1.28 14.64
CA GLU A 305 40.58 -1.81 14.67
C GLU A 305 41.63 -0.89 14.08
N GLU A 306 41.33 -0.34 12.91
CA GLU A 306 42.28 0.53 12.24
C GLU A 306 42.23 1.99 12.67
N ASN A 307 41.47 2.28 13.71
CA ASN A 307 41.35 3.65 14.24
C ASN A 307 41.21 4.69 13.13
N LEU A 308 40.36 4.38 12.16
CA LEU A 308 40.16 5.27 11.03
C LEU A 308 39.63 6.67 11.38
N ALA A 309 38.92 6.76 12.50
CA ALA A 309 38.37 8.05 12.93
C ALA A 309 39.49 9.03 13.27
N GLU A 310 40.39 8.61 14.16
CA GLU A 310 41.51 9.47 14.54
C GLU A 310 42.38 9.81 13.35
N ASN A 311 42.49 8.87 12.41
CA ASN A 311 43.27 9.11 11.21
C ASN A 311 42.62 10.21 10.38
N ALA A 312 41.31 10.09 10.17
CA ALA A 312 40.53 11.07 9.40
C ALA A 312 40.65 12.46 10.01
N ASP A 313 40.58 12.53 11.33
CA ASP A 313 40.70 13.79 12.04
C ASP A 313 42.07 14.42 11.80
N LYS A 314 43.13 13.65 12.04
CA LYS A 314 44.51 14.15 11.84
C LYS A 314 44.78 14.63 10.42
N LEU A 315 44.58 13.74 9.44
CA LEU A 315 44.82 14.07 8.05
C LEU A 315 43.92 15.14 7.45
N GLY A 316 42.69 15.26 7.94
CA GLY A 316 41.78 16.27 7.44
C GLY A 316 42.33 17.66 7.68
N ILE A 317 42.92 17.85 8.84
CA ILE A 317 43.50 19.11 9.24
C ILE A 317 44.58 19.52 8.24
N ILE A 318 45.45 18.56 7.91
CA ILE A 318 46.54 18.78 6.96
C ILE A 318 45.95 19.15 5.60
N LEU A 319 44.98 18.37 5.16
CA LEU A 319 44.32 18.57 3.87
C LEU A 319 43.79 20.00 3.76
N ARG A 320 43.03 20.43 4.77
CA ARG A 320 42.45 21.76 4.77
C ARG A 320 43.50 22.87 4.87
N ASN A 321 44.49 22.69 5.73
CA ASN A 321 45.55 23.69 5.90
C ASN A 321 46.30 23.91 4.60
N GLU A 322 46.59 22.83 3.88
CA GLU A 322 47.29 22.92 2.61
C GLU A 322 46.42 23.57 1.55
N LEU A 323 45.15 23.16 1.49
CA LEU A 323 44.21 23.71 0.51
C LEU A 323 44.03 25.22 0.69
N MET A 324 44.07 25.67 1.94
CA MET A 324 43.91 27.08 2.24
C MET A 324 45.09 27.94 1.76
N LYS A 325 46.19 27.28 1.38
CA LYS A 325 47.37 27.97 0.88
C LYS A 325 47.18 28.40 -0.57
N LEU A 326 46.11 27.88 -1.20
CA LEU A 326 45.81 28.22 -2.58
C LEU A 326 45.33 29.67 -2.71
N PRO A 327 45.55 30.29 -3.88
CA PRO A 327 45.15 31.68 -4.14
C PRO A 327 43.64 31.94 -4.07
N SER A 328 43.27 32.95 -3.31
CA SER A 328 41.88 33.33 -3.11
C SER A 328 41.13 33.64 -4.41
N ASP A 329 41.85 34.12 -5.42
CA ASP A 329 41.25 34.44 -6.72
C ASP A 329 40.86 33.13 -7.43
N VAL A 330 41.34 32.02 -6.87
CA VAL A 330 41.11 30.68 -7.38
C VAL A 330 40.12 29.94 -6.48
N VAL A 331 40.56 29.64 -5.26
CA VAL A 331 39.76 28.93 -4.28
C VAL A 331 39.23 29.97 -3.29
N THR A 332 37.93 30.21 -3.33
CA THR A 332 37.28 31.18 -2.46
C THR A 332 36.95 30.67 -1.06
N ALA A 333 36.96 29.36 -0.87
CA ALA A 333 36.66 28.77 0.43
C ALA A 333 37.08 27.32 0.54
N VAL A 334 37.46 26.91 1.75
CA VAL A 334 37.87 25.54 2.04
C VAL A 334 37.14 25.15 3.32
N ARG A 335 36.38 24.06 3.29
CA ARG A 335 35.64 23.64 4.47
C ARG A 335 35.52 22.13 4.63
N GLY A 336 35.22 21.71 5.85
CA GLY A 336 35.06 20.29 6.14
C GLY A 336 35.46 19.85 7.54
N LYS A 337 35.33 18.56 7.80
CA LYS A 337 35.70 17.94 9.06
C LYS A 337 36.19 16.55 8.69
N GLY A 338 37.26 16.11 9.34
CA GLY A 338 37.83 14.81 9.03
C GLY A 338 38.12 14.77 7.54
N LEU A 339 37.77 13.68 6.87
CA LEU A 339 38.00 13.60 5.45
C LEU A 339 36.77 13.92 4.59
N LEU A 340 35.88 14.74 5.13
CA LEU A 340 34.70 15.20 4.39
C LEU A 340 34.99 16.69 4.20
N ASN A 341 35.58 17.03 3.06
CA ASN A 341 35.96 18.41 2.78
C ASN A 341 35.53 18.88 1.40
N ALA A 342 35.64 20.18 1.17
CA ALA A 342 35.27 20.76 -0.10
C ALA A 342 35.91 22.14 -0.30
N ILE A 343 36.14 22.48 -1.57
CA ILE A 343 36.70 23.78 -1.90
C ILE A 343 35.72 24.47 -2.84
N VAL A 344 35.63 25.79 -2.74
CA VAL A 344 34.74 26.53 -3.60
C VAL A 344 35.57 27.25 -4.67
N ILE A 345 35.34 26.84 -5.92
CA ILE A 345 36.03 27.38 -7.07
C ILE A 345 35.38 28.67 -7.55
N LYS A 346 36.17 29.72 -7.71
CA LYS A 346 35.67 31.00 -8.20
C LYS A 346 35.46 30.82 -9.71
N GLU A 347 34.26 30.45 -10.11
CA GLU A 347 33.94 30.24 -11.53
C GLU A 347 34.07 31.55 -12.31
N THR A 348 34.90 31.52 -13.36
CA THR A 348 35.11 32.70 -14.17
C THR A 348 34.88 32.36 -15.63
N LYS A 349 35.14 33.32 -16.51
CA LYS A 349 34.96 33.17 -17.95
C LYS A 349 35.44 31.83 -18.50
N ASP A 350 36.68 31.45 -18.19
CA ASP A 350 37.22 30.21 -18.68
C ASP A 350 36.97 28.99 -17.80
N TRP A 351 37.55 28.95 -16.60
CA TRP A 351 37.41 27.78 -15.76
C TRP A 351 36.15 27.63 -14.90
N ASP A 352 35.94 26.39 -14.42
CA ASP A 352 34.83 26.01 -13.56
C ASP A 352 35.19 24.68 -12.89
N ALA A 353 34.43 24.28 -11.88
CA ALA A 353 34.67 23.05 -11.14
C ALA A 353 34.76 21.78 -11.99
N TRP A 354 33.94 21.68 -13.02
CA TRP A 354 33.93 20.51 -13.90
C TRP A 354 35.28 20.42 -14.61
N LYS A 355 35.74 21.55 -15.14
CA LYS A 355 37.01 21.62 -15.83
C LYS A 355 38.14 21.23 -14.90
N VAL A 356 38.10 21.78 -13.68
CA VAL A 356 39.12 21.47 -12.69
C VAL A 356 39.12 19.97 -12.44
N CYS A 357 37.94 19.38 -12.33
CA CYS A 357 37.82 17.94 -12.10
C CYS A 357 38.27 17.12 -13.30
N LEU A 358 38.08 17.65 -14.51
CA LEU A 358 38.52 16.94 -15.70
C LEU A 358 40.04 16.90 -15.74
N ARG A 359 40.66 18.04 -15.46
CA ARG A 359 42.12 18.14 -15.45
C ARG A 359 42.70 17.38 -14.26
N LEU A 360 41.98 17.41 -13.15
CA LEU A 360 42.37 16.71 -11.92
C LEU A 360 42.41 15.22 -12.27
N ARG A 361 41.43 14.78 -13.05
CA ARG A 361 41.33 13.40 -13.52
C ARG A 361 42.58 13.09 -14.34
N ASP A 362 42.92 14.01 -15.26
CA ASP A 362 44.09 13.86 -16.11
C ASP A 362 45.38 13.77 -15.30
N ASN A 363 45.37 14.35 -14.11
CA ASN A 363 46.55 14.31 -13.26
C ASN A 363 46.52 13.18 -12.24
N GLY A 364 45.58 12.25 -12.41
CA GLY A 364 45.49 11.10 -11.52
C GLY A 364 44.66 11.19 -10.25
N LEU A 365 43.74 12.13 -10.17
CA LEU A 365 42.90 12.26 -8.98
C LEU A 365 41.43 12.40 -9.39
N LEU A 366 40.58 11.55 -8.81
CA LEU A 366 39.16 11.56 -9.12
C LEU A 366 38.29 12.27 -8.08
N ALA A 367 37.57 13.28 -8.53
CA ALA A 367 36.67 14.06 -7.69
C ALA A 367 35.55 14.61 -8.57
N LYS A 368 34.48 15.10 -7.95
CA LYS A 368 33.34 15.65 -8.69
C LYS A 368 32.73 16.85 -7.98
N PRO A 369 32.29 17.86 -8.75
CA PRO A 369 31.70 19.06 -8.18
C PRO A 369 30.27 18.79 -7.69
N THR A 370 29.92 19.35 -6.53
CA THR A 370 28.59 19.15 -5.96
C THR A 370 27.59 20.15 -6.51
N HIS A 371 27.96 21.43 -6.55
CA HIS A 371 27.05 22.45 -7.06
C HIS A 371 27.68 23.42 -8.05
N GLY A 372 28.26 22.87 -9.11
CA GLY A 372 28.87 23.69 -10.14
C GLY A 372 30.17 24.37 -9.80
N ASP A 373 30.27 24.96 -8.60
CA ASP A 373 31.49 25.64 -8.20
C ASP A 373 32.06 25.08 -6.91
N ILE A 374 31.51 23.96 -6.43
CA ILE A 374 31.98 23.34 -5.21
C ILE A 374 32.55 21.97 -5.53
N ILE A 375 33.79 21.72 -5.12
CA ILE A 375 34.42 20.43 -5.38
C ILE A 375 34.64 19.70 -4.07
N ARG A 376 34.17 18.46 -3.99
CA ARG A 376 34.35 17.66 -2.78
C ARG A 376 35.65 16.87 -2.81
N PHE A 377 36.32 16.82 -1.66
CA PHE A 377 37.56 16.08 -1.49
C PHE A 377 37.37 15.14 -0.31
N ALA A 378 37.04 13.89 -0.61
CA ALA A 378 36.81 12.89 0.45
C ALA A 378 37.39 11.54 0.08
N PRO A 379 38.70 11.36 0.34
CA PRO A 379 39.41 10.10 0.03
C PRO A 379 39.21 9.07 1.14
N PRO A 380 39.31 7.77 0.81
CA PRO A 380 39.13 6.71 1.80
C PRO A 380 39.93 7.00 3.08
N LEU A 381 39.33 6.70 4.22
CA LEU A 381 39.94 6.95 5.52
C LEU A 381 41.21 6.15 5.77
N VAL A 382 41.51 5.21 4.88
CA VAL A 382 42.70 4.39 5.01
C VAL A 382 43.91 5.07 4.36
N ILE A 383 43.73 6.28 3.86
CA ILE A 383 44.80 7.02 3.22
C ILE A 383 45.91 7.35 4.22
N LYS A 384 47.14 7.44 3.74
CA LYS A 384 48.30 7.75 4.58
C LYS A 384 48.73 9.18 4.32
N GLU A 385 49.48 9.77 5.26
CA GLU A 385 49.92 11.14 5.13
C GLU A 385 50.72 11.44 3.85
N ASP A 386 51.62 10.55 3.48
CA ASP A 386 52.41 10.75 2.27
C ASP A 386 51.52 10.67 1.03
N GLU A 387 50.59 9.72 1.03
CA GLU A 387 49.66 9.54 -0.08
C GLU A 387 48.79 10.79 -0.18
N LEU A 388 48.38 11.31 0.98
CA LEU A 388 47.56 12.51 1.04
C LEU A 388 48.38 13.66 0.49
N ARG A 389 49.63 13.75 0.93
CA ARG A 389 50.55 14.80 0.50
C ARG A 389 50.75 14.75 -1.01
N GLU A 390 50.82 13.56 -1.58
CA GLU A 390 51.00 13.42 -3.01
C GLU A 390 49.76 13.94 -3.75
N SER A 391 48.59 13.50 -3.31
CA SER A 391 47.34 13.93 -3.93
C SER A 391 47.19 15.44 -3.78
N ILE A 392 47.57 15.97 -2.62
CA ILE A 392 47.51 17.40 -2.36
C ILE A 392 48.31 18.15 -3.43
N GLU A 393 49.47 17.62 -3.79
CA GLU A 393 50.27 18.27 -4.82
C GLU A 393 49.61 18.17 -6.19
N ILE A 394 48.88 17.08 -6.43
CA ILE A 394 48.17 16.90 -7.70
C ILE A 394 47.08 17.96 -7.77
N ILE A 395 46.48 18.25 -6.62
CA ILE A 395 45.44 19.26 -6.55
C ILE A 395 46.07 20.62 -6.81
N ASN A 396 47.20 20.88 -6.17
CA ASN A 396 47.92 22.16 -6.33
C ASN A 396 48.29 22.45 -7.78
N LYS A 397 48.97 21.52 -8.42
CA LYS A 397 49.39 21.73 -9.82
C LYS A 397 48.20 21.97 -10.73
N THR A 398 47.16 21.15 -10.59
CA THR A 398 45.96 21.28 -11.40
C THR A 398 45.33 22.65 -11.19
N ILE A 399 45.15 23.03 -9.94
CA ILE A 399 44.54 24.31 -9.59
C ILE A 399 45.38 25.47 -10.15
N LEU A 400 46.69 25.33 -10.06
CA LEU A 400 47.60 26.37 -10.54
C LEU A 400 47.97 26.28 -12.01
N SER A 401 47.26 25.48 -12.80
CA SER A 401 47.57 25.35 -14.21
C SER A 401 46.60 26.12 -15.10
N PHE A 402 45.60 26.76 -14.47
CA PHE A 402 44.61 27.53 -15.20
C PHE A 402 45.01 29.00 -15.30
N PRO B 1 23.39 -18.93 19.51
CA PRO B 1 23.61 -20.36 19.24
C PRO B 1 22.36 -21.23 19.18
N THR B 2 21.40 -21.03 20.07
CA THR B 2 20.18 -21.82 20.07
C THR B 2 19.04 -21.04 19.42
N SER B 3 18.08 -21.74 18.82
CA SER B 3 16.95 -21.08 18.19
C SER B 3 16.32 -20.08 19.15
N ASP B 4 15.98 -20.55 20.36
CA ASP B 4 15.39 -19.67 21.36
C ASP B 4 16.33 -18.52 21.76
N ASP B 5 17.64 -18.78 21.77
CA ASP B 5 18.62 -17.75 22.09
C ASP B 5 18.61 -16.70 20.98
N ILE B 6 18.44 -17.16 19.75
CA ILE B 6 18.41 -16.31 18.58
C ILE B 6 17.17 -15.42 18.64
N PHE B 7 16.02 -16.03 18.94
CA PHE B 7 14.76 -15.31 19.05
C PHE B 7 14.92 -14.27 20.15
N GLU B 8 15.45 -14.72 21.28
CA GLU B 8 15.67 -13.89 22.46
C GLU B 8 16.56 -12.68 22.17
N ARG B 9 17.66 -12.91 21.48
CA ARG B 9 18.58 -11.82 21.16
C ARG B 9 17.96 -10.79 20.23
N GLU B 10 17.30 -11.23 19.16
CA GLU B 10 16.67 -10.31 18.23
C GLU B 10 15.60 -9.48 18.94
N TYR B 11 14.83 -10.12 19.81
CA TYR B 11 13.78 -9.45 20.56
C TYR B 11 14.33 -8.32 21.43
N LYS B 12 15.58 -8.49 21.88
CA LYS B 12 16.21 -7.50 22.73
C LYS B 12 16.91 -6.34 21.99
N TYR B 13 17.60 -6.66 20.90
CA TYR B 13 18.35 -5.65 20.15
C TYR B 13 17.77 -5.22 18.82
N GLY B 14 16.66 -5.83 18.42
CA GLY B 14 16.07 -5.47 17.14
C GLY B 14 14.65 -4.97 17.27
N ALA B 15 14.24 -4.11 16.33
CA ALA B 15 12.90 -3.55 16.30
C ALA B 15 11.89 -4.69 16.17
N HIS B 16 10.70 -4.50 16.71
CA HIS B 16 9.67 -5.54 16.64
C HIS B 16 8.74 -5.30 15.46
N ASN B 17 9.29 -4.98 14.30
CA ASN B 17 8.47 -4.73 13.12
C ASN B 17 8.06 -6.02 12.42
N TYR B 18 8.48 -7.15 12.99
CA TYR B 18 8.13 -8.47 12.44
C TYR B 18 7.79 -9.45 13.52
N HIS B 19 7.07 -10.49 13.12
CA HIS B 19 6.71 -11.59 13.99
C HIS B 19 6.86 -12.81 13.09
N PRO B 20 8.11 -13.25 12.88
CA PRO B 20 8.43 -14.39 12.03
C PRO B 20 7.95 -15.71 12.59
N LEU B 21 8.02 -16.74 11.75
CA LEU B 21 7.67 -18.07 12.16
C LEU B 21 8.87 -18.49 13.00
N PRO B 22 8.64 -19.01 14.21
CA PRO B 22 9.73 -19.43 15.09
C PRO B 22 10.62 -20.56 14.56
N VAL B 23 11.55 -20.19 13.67
CA VAL B 23 12.50 -21.12 13.06
C VAL B 23 13.75 -20.25 12.87
N ALA B 24 14.91 -20.76 13.24
CA ALA B 24 16.15 -20.00 13.10
C ALA B 24 17.10 -20.66 12.12
N LEU B 25 17.03 -20.26 10.86
CA LEU B 25 17.87 -20.83 9.81
C LEU B 25 19.31 -20.30 9.83
N GLU B 26 20.23 -21.15 9.40
CA GLU B 26 21.64 -20.79 9.35
C GLU B 26 22.30 -21.20 8.03
N ARG B 27 21.60 -22.04 7.28
CA ARG B 27 22.13 -22.48 5.99
C ARG B 27 21.01 -22.81 5.01
N GLY B 28 21.29 -22.64 3.73
CA GLY B 28 20.31 -22.93 2.71
C GLY B 28 21.01 -23.23 1.41
N LYS B 29 20.51 -24.22 0.68
CA LYS B 29 21.08 -24.60 -0.60
C LYS B 29 19.93 -25.15 -1.44
N GLY B 30 19.74 -24.56 -2.62
CA GLY B 30 18.64 -24.98 -3.47
C GLY B 30 17.30 -24.75 -2.79
N ILE B 31 16.49 -25.80 -2.76
CA ILE B 31 15.17 -25.75 -2.15
C ILE B 31 15.18 -26.01 -0.65
N TYR B 32 16.36 -26.23 -0.07
CA TYR B 32 16.46 -26.54 1.34
C TYR B 32 17.05 -25.48 2.24
N LEU B 33 16.59 -25.50 3.49
CA LEU B 33 17.04 -24.59 4.53
C LEU B 33 17.32 -25.46 5.76
N TRP B 34 18.31 -25.09 6.55
CA TRP B 34 18.68 -25.83 7.76
C TRP B 34 18.74 -24.86 8.93
N ASP B 35 18.11 -25.20 10.05
CA ASP B 35 18.15 -24.31 11.21
C ASP B 35 19.38 -24.60 12.07
N VAL B 36 19.56 -23.84 13.14
CA VAL B 36 20.71 -24.04 14.02
C VAL B 36 20.81 -25.40 14.69
N GLU B 37 19.72 -26.17 14.70
CA GLU B 37 19.75 -27.51 15.29
C GLU B 37 20.03 -28.56 14.22
N GLY B 38 20.35 -28.13 13.01
CA GLY B 38 20.65 -29.05 11.94
C GLY B 38 19.44 -29.60 11.20
N ARG B 39 18.25 -29.27 11.67
CA ARG B 39 17.01 -29.73 11.03
C ARG B 39 16.86 -29.16 9.62
N LYS B 40 16.61 -30.04 8.65
CA LYS B 40 16.43 -29.66 7.25
C LYS B 40 14.96 -29.32 6.98
N TYR B 41 14.73 -28.39 6.06
CA TYR B 41 13.38 -27.97 5.71
C TYR B 41 13.24 -27.66 4.23
N PHE B 42 12.04 -27.84 3.71
CA PHE B 42 11.74 -27.50 2.32
C PHE B 42 11.37 -26.02 2.40
N ASP B 43 11.89 -25.21 1.50
CA ASP B 43 11.56 -23.79 1.52
C ASP B 43 10.38 -23.53 0.59
N PHE B 44 9.20 -23.33 1.15
CA PHE B 44 8.02 -23.07 0.35
C PHE B 44 7.61 -21.61 0.37
N LEU B 45 8.61 -20.74 0.48
CA LEU B 45 8.40 -19.30 0.52
C LEU B 45 9.36 -18.60 -0.45
N SER B 46 10.53 -19.18 -0.64
CA SER B 46 11.55 -18.63 -1.53
C SER B 46 11.89 -17.17 -1.23
N SER B 47 11.91 -16.82 0.04
CA SER B 47 12.21 -15.45 0.47
C SER B 47 11.30 -14.47 -0.27
N TYR B 48 10.02 -14.80 -0.33
CA TYR B 48 9.01 -14.00 -1.02
C TYR B 48 9.31 -13.82 -2.50
N SER B 49 9.80 -14.89 -3.11
CA SER B 49 10.12 -14.93 -4.54
C SER B 49 11.47 -14.31 -4.91
N ALA B 50 12.36 -14.20 -3.94
CA ALA B 50 13.70 -13.63 -4.17
C ALA B 50 14.74 -14.70 -4.54
N VAL B 51 14.51 -15.93 -4.10
CA VAL B 51 15.42 -17.04 -4.39
C VAL B 51 14.83 -18.06 -5.37
N ASN B 52 14.35 -17.58 -6.51
CA ASN B 52 13.77 -18.44 -7.54
C ASN B 52 14.76 -19.52 -7.99
N GLN B 53 16.02 -19.11 -8.13
CA GLN B 53 17.11 -19.97 -8.56
C GLN B 53 17.62 -20.90 -7.46
N GLY B 54 16.98 -20.84 -6.28
CA GLY B 54 17.40 -21.66 -5.17
C GLY B 54 18.43 -20.93 -4.32
N HIS B 55 18.57 -21.31 -3.06
CA HIS B 55 19.53 -20.65 -2.18
C HIS B 55 20.97 -20.92 -2.61
N CYS B 56 21.80 -19.88 -2.49
CA CYS B 56 23.22 -19.95 -2.80
C CYS B 56 23.54 -20.70 -4.08
N HIS B 57 22.88 -20.32 -5.17
CA HIS B 57 23.13 -20.97 -6.45
C HIS B 57 24.59 -20.74 -6.83
N PRO B 58 25.36 -21.84 -7.01
CA PRO B 58 26.78 -21.81 -7.38
C PRO B 58 27.16 -20.79 -8.45
N LYS B 59 26.42 -20.76 -9.55
CA LYS B 59 26.73 -19.82 -10.63
C LYS B 59 26.67 -18.36 -10.19
N ILE B 60 25.64 -18.01 -9.44
CA ILE B 60 25.47 -16.63 -8.97
C ILE B 60 26.53 -16.34 -7.91
N VAL B 61 26.78 -17.32 -7.04
CA VAL B 61 27.77 -17.18 -5.98
C VAL B 61 29.14 -16.90 -6.58
N ASN B 62 29.48 -17.61 -7.65
CA ASN B 62 30.76 -17.43 -8.34
C ASN B 62 30.90 -16.02 -8.87
N ALA B 63 29.83 -15.53 -9.50
CA ALA B 63 29.79 -14.18 -10.06
C ALA B 63 30.10 -13.15 -8.98
N LEU B 64 29.50 -13.34 -7.81
CA LEU B 64 29.71 -12.43 -6.69
C LEU B 64 31.16 -12.50 -6.24
N LYS B 65 31.65 -13.72 -6.05
CA LYS B 65 33.02 -13.94 -5.60
C LYS B 65 34.10 -13.41 -6.53
N SER B 66 33.88 -13.50 -7.84
CA SER B 66 34.88 -13.01 -8.77
C SER B 66 34.94 -11.49 -8.77
N GLN B 67 33.78 -10.85 -8.82
CA GLN B 67 33.69 -9.40 -8.84
C GLN B 67 34.12 -8.70 -7.56
N VAL B 68 33.88 -9.30 -6.40
CA VAL B 68 34.27 -8.66 -5.14
C VAL B 68 35.75 -8.36 -5.01
N ASP B 69 36.59 -9.14 -5.68
CA ASP B 69 38.03 -8.94 -5.63
C ASP B 69 38.47 -7.82 -6.57
N LYS B 70 37.58 -7.43 -7.47
CA LYS B 70 37.90 -6.39 -8.45
C LYS B 70 37.39 -4.99 -8.12
N LEU B 71 36.06 -4.87 -7.97
CA LEU B 71 35.43 -3.59 -7.69
C LEU B 71 34.00 -3.86 -7.22
N THR B 72 33.53 -3.09 -6.25
CA THR B 72 32.18 -3.28 -5.75
C THR B 72 31.32 -2.03 -5.89
N LEU B 73 31.92 -0.87 -5.69
CA LEU B 73 31.20 0.40 -5.77
C LEU B 73 32.10 1.59 -6.07
N THR B 74 31.72 2.37 -7.07
CA THR B 74 32.45 3.56 -7.48
C THR B 74 31.52 4.76 -7.32
N SER B 75 30.23 4.46 -7.36
CA SER B 75 29.12 5.42 -7.29
C SER B 75 28.89 5.83 -8.73
N ARG B 76 27.74 6.43 -8.99
CA ARG B 76 27.41 6.86 -10.34
C ARG B 76 28.08 8.17 -10.74
N ALA B 77 29.01 8.62 -9.90
CA ALA B 77 29.76 9.84 -10.19
C ALA B 77 30.72 9.51 -11.34
N PHE B 78 31.14 8.26 -11.41
CA PHE B 78 32.05 7.78 -12.45
C PHE B 78 31.41 6.56 -13.09
N TYR B 79 32.00 6.09 -14.19
CA TYR B 79 31.51 4.90 -14.87
C TYR B 79 32.25 3.67 -14.37
N ASN B 80 31.61 2.51 -14.48
CA ASN B 80 32.22 1.25 -14.09
C ASN B 80 32.00 0.36 -15.32
N ASN B 81 32.96 -0.50 -15.64
CA ASN B 81 32.88 -1.37 -16.81
C ASN B 81 31.74 -2.39 -16.86
N VAL B 82 31.18 -2.74 -15.71
CA VAL B 82 30.13 -3.75 -15.66
C VAL B 82 28.69 -3.33 -15.98
N LEU B 83 28.26 -2.19 -15.47
CA LEU B 83 26.89 -1.70 -15.66
C LEU B 83 26.34 -1.75 -17.09
N GLY B 84 27.08 -1.18 -18.03
CA GLY B 84 26.64 -1.16 -19.42
C GLY B 84 26.43 -2.55 -20.02
N GLU B 85 27.24 -3.51 -19.58
CA GLU B 85 27.14 -4.88 -20.06
C GLU B 85 25.82 -5.46 -19.60
N TYR B 86 25.51 -5.21 -18.32
CA TYR B 86 24.26 -5.68 -17.72
C TYR B 86 23.05 -5.02 -18.40
N GLU B 87 23.15 -3.71 -18.60
CA GLU B 87 22.08 -2.96 -19.23
C GLU B 87 21.73 -3.51 -20.60
N GLU B 88 22.75 -3.71 -21.44
CA GLU B 88 22.53 -4.26 -22.78
C GLU B 88 21.87 -5.62 -22.69
N TYR B 89 22.32 -6.42 -21.74
CA TYR B 89 21.79 -7.76 -21.54
C TYR B 89 20.30 -7.77 -21.17
N ILE B 90 19.95 -7.07 -20.09
CA ILE B 90 18.57 -7.05 -19.62
C ILE B 90 17.59 -6.34 -20.55
N THR B 91 18.02 -5.27 -21.20
CA THR B 91 17.13 -4.54 -22.10
C THR B 91 16.78 -5.41 -23.30
N LYS B 92 17.76 -6.15 -23.80
CA LYS B 92 17.54 -7.03 -24.94
C LYS B 92 16.74 -8.27 -24.55
N LEU B 93 16.98 -8.76 -23.34
CA LEU B 93 16.27 -9.92 -22.85
C LEU B 93 14.76 -9.60 -22.78
N PHE B 94 14.43 -8.47 -22.17
CA PHE B 94 13.03 -8.07 -22.02
C PHE B 94 12.47 -7.19 -23.14
N ASN B 95 13.32 -6.85 -24.10
CA ASN B 95 12.92 -6.06 -25.26
C ASN B 95 12.43 -4.63 -24.99
N TYR B 96 13.21 -3.86 -24.23
CA TYR B 96 12.87 -2.47 -23.93
C TYR B 96 14.11 -1.64 -24.25
N HIS B 97 13.91 -0.38 -24.60
CA HIS B 97 15.03 0.49 -24.93
C HIS B 97 16.08 0.61 -23.83
N LYS B 98 15.64 0.99 -22.63
CA LYS B 98 16.55 1.20 -21.53
C LYS B 98 16.10 0.59 -20.20
N VAL B 99 17.00 0.67 -19.22
CA VAL B 99 16.74 0.18 -17.89
C VAL B 99 17.31 1.19 -16.91
N LEU B 100 16.61 1.41 -15.81
CA LEU B 100 17.05 2.32 -14.76
C LEU B 100 17.32 1.36 -13.60
N PRO B 101 18.60 1.24 -13.21
CA PRO B 101 19.00 0.35 -12.11
C PRO B 101 18.82 0.95 -10.72
N MET B 102 18.22 0.17 -9.82
CA MET B 102 18.01 0.59 -8.45
C MET B 102 18.34 -0.60 -7.55
N ASN B 103 18.06 -0.48 -6.25
CA ASN B 103 18.39 -1.56 -5.33
C ASN B 103 17.23 -2.42 -4.83
N THR B 104 16.24 -1.79 -4.22
CA THR B 104 15.10 -2.54 -3.69
C THR B 104 13.86 -2.40 -4.55
N GLY B 105 12.86 -3.24 -4.25
CA GLY B 105 11.62 -3.22 -4.98
C GLY B 105 10.88 -1.90 -4.89
N VAL B 106 10.76 -1.35 -3.68
CA VAL B 106 10.05 -0.08 -3.48
C VAL B 106 10.71 1.00 -4.33
N GLU B 107 12.04 0.99 -4.38
CA GLU B 107 12.76 1.98 -5.15
C GLU B 107 12.41 1.92 -6.64
N ALA B 108 12.20 0.71 -7.15
CA ALA B 108 11.82 0.57 -8.55
C ALA B 108 10.42 1.18 -8.69
N GLY B 109 9.57 0.93 -7.69
CA GLY B 109 8.22 1.47 -7.71
C GLY B 109 8.24 2.99 -7.71
N GLU B 110 9.04 3.57 -6.81
CA GLU B 110 9.17 5.02 -6.69
C GLU B 110 9.64 5.60 -8.02
N THR B 111 10.61 4.94 -8.63
CA THR B 111 11.17 5.36 -9.92
C THR B 111 10.08 5.36 -10.99
N ALA B 112 9.22 4.35 -10.97
CA ALA B 112 8.12 4.25 -11.92
C ALA B 112 7.14 5.41 -11.72
N CYS B 113 6.83 5.71 -10.47
CA CYS B 113 5.92 6.82 -10.15
C CYS B 113 6.52 8.14 -10.62
N LYS B 114 7.84 8.28 -10.47
CA LYS B 114 8.53 9.49 -10.90
C LYS B 114 8.57 9.57 -12.41
N LEU B 115 8.76 8.43 -13.08
CA LEU B 115 8.78 8.39 -14.54
C LEU B 115 7.39 8.77 -15.05
N ALA B 116 6.36 8.12 -14.50
CA ALA B 116 4.97 8.38 -14.87
C ALA B 116 4.62 9.85 -14.72
N ARG B 117 4.95 10.42 -13.56
CA ARG B 117 4.66 11.81 -13.28
C ARG B 117 5.41 12.73 -14.23
N LYS B 118 6.72 12.53 -14.34
CA LYS B 118 7.57 13.34 -15.21
C LYS B 118 7.04 13.29 -16.65
N TRP B 119 6.69 12.09 -17.10
CA TRP B 119 6.16 11.90 -18.45
C TRP B 119 4.81 12.60 -18.58
N GLY B 120 3.98 12.49 -17.55
CA GLY B 120 2.68 13.11 -17.58
C GLY B 120 2.75 14.61 -17.82
N TYR B 121 3.73 15.25 -17.21
CA TYR B 121 3.90 16.69 -17.37
C TYR B 121 4.63 17.11 -18.62
N THR B 122 5.77 16.49 -18.88
CA THR B 122 6.58 16.83 -20.03
C THR B 122 6.11 16.31 -21.37
N VAL B 123 5.49 15.14 -21.38
CA VAL B 123 5.02 14.56 -22.63
C VAL B 123 3.51 14.59 -22.81
N LYS B 124 2.76 14.18 -21.79
CA LYS B 124 1.31 14.18 -21.91
C LYS B 124 0.76 15.59 -21.85
N GLY B 125 1.40 16.44 -21.05
CA GLY B 125 0.96 17.82 -20.93
C GLY B 125 0.09 18.14 -19.73
N ILE B 126 0.04 17.24 -18.76
CA ILE B 126 -0.76 17.46 -17.55
C ILE B 126 -0.22 18.69 -16.83
N GLN B 127 -1.11 19.49 -16.23
CA GLN B 127 -0.66 20.68 -15.54
C GLN B 127 0.10 20.29 -14.28
N LYS B 128 1.18 21.01 -14.02
CA LYS B 128 2.04 20.77 -12.88
C LYS B 128 1.37 20.44 -11.56
N TYR B 129 1.65 19.21 -11.14
CA TYR B 129 1.22 18.58 -9.91
C TYR B 129 -0.23 18.16 -9.77
N LYS B 130 -0.88 17.96 -10.90
CA LYS B 130 -2.25 17.51 -10.97
C LYS B 130 -2.30 16.09 -11.50
N ALA B 131 -1.13 15.53 -11.74
CA ALA B 131 -1.02 14.17 -12.24
C ALA B 131 -1.37 13.11 -11.17
N LYS B 132 -2.08 12.08 -11.59
CA LYS B 132 -2.45 11.01 -10.68
C LYS B 132 -2.08 9.64 -11.22
N ILE B 133 -1.81 8.74 -10.30
CA ILE B 133 -1.46 7.37 -10.64
C ILE B 133 -2.52 6.51 -9.97
N VAL B 134 -3.09 5.59 -10.74
CA VAL B 134 -4.12 4.71 -10.24
C VAL B 134 -3.50 3.38 -9.80
N PHE B 135 -4.01 2.82 -8.71
CA PHE B 135 -3.53 1.57 -8.15
C PHE B 135 -4.75 0.71 -7.92
N ALA B 136 -4.53 -0.59 -7.81
CA ALA B 136 -5.62 -1.53 -7.56
C ALA B 136 -5.60 -1.88 -6.07
N ALA B 137 -6.78 -1.97 -5.46
CA ALA B 137 -6.91 -2.32 -4.06
C ALA B 137 -6.25 -3.67 -3.80
N GLY B 138 -5.60 -3.79 -2.64
CA GLY B 138 -4.92 -5.01 -2.30
C GLY B 138 -3.47 -5.00 -2.76
N ASN B 139 -3.06 -3.92 -3.43
CA ASN B 139 -1.69 -3.80 -3.92
C ASN B 139 -0.68 -3.71 -2.80
N PHE B 140 0.53 -4.17 -3.08
CA PHE B 140 1.62 -4.09 -2.11
C PHE B 140 2.90 -3.94 -2.90
N TRP B 141 3.57 -2.80 -2.75
CA TRP B 141 4.81 -2.59 -3.46
C TRP B 141 5.94 -2.02 -2.60
N GLY B 142 5.81 -2.13 -1.29
CA GLY B 142 6.87 -1.60 -0.44
C GLY B 142 6.37 -0.94 0.83
N ARG B 143 7.30 -0.31 1.55
CA ARG B 143 6.99 0.33 2.82
C ARG B 143 7.35 1.81 2.93
N THR B 144 7.58 2.47 1.80
CA THR B 144 7.89 3.89 1.85
C THR B 144 6.58 4.62 2.09
N LEU B 145 6.66 5.88 2.50
CA LEU B 145 5.47 6.69 2.74
C LEU B 145 4.56 6.65 1.50
N SER B 146 5.15 6.79 0.32
CA SER B 146 4.42 6.78 -0.93
C SER B 146 3.77 5.43 -1.19
N ALA B 147 4.50 4.35 -0.95
CA ALA B 147 3.97 3.01 -1.18
C ALA B 147 2.77 2.71 -0.29
N ILE B 148 2.87 3.05 0.99
CA ILE B 148 1.77 2.78 1.90
C ILE B 148 0.57 3.70 1.62
N SER B 149 0.82 4.80 0.93
CA SER B 149 -0.25 5.74 0.57
C SER B 149 -1.21 5.13 -0.44
N SER B 150 -0.74 4.17 -1.24
CA SER B 150 -1.61 3.53 -2.23
C SER B 150 -2.22 2.25 -1.67
N SER B 151 -1.85 1.90 -0.45
CA SER B 151 -2.33 0.67 0.18
C SER B 151 -3.74 0.76 0.74
N THR B 152 -4.49 -0.33 0.67
CA THR B 152 -5.83 -0.35 1.25
C THR B 152 -5.77 -1.21 2.51
N ASP B 153 -4.56 -1.61 2.90
CA ASP B 153 -4.34 -2.42 4.08
C ASP B 153 -3.94 -1.53 5.26
N PRO B 154 -4.80 -1.43 6.28
CA PRO B 154 -4.56 -0.62 7.48
C PRO B 154 -3.21 -0.86 8.16
N THR B 155 -2.74 -2.10 8.12
CA THR B 155 -1.47 -2.45 8.76
C THR B 155 -0.28 -1.71 8.14
N SER B 156 -0.41 -1.32 6.88
CA SER B 156 0.66 -0.61 6.21
C SER B 156 0.59 0.89 6.37
N TYR B 157 -0.62 1.45 6.35
CA TYR B 157 -0.73 2.91 6.43
C TYR B 157 -1.18 3.51 7.75
N ASP B 158 -1.90 2.75 8.57
CA ASP B 158 -2.40 3.29 9.82
C ASP B 158 -1.29 3.79 10.74
N GLY B 159 -1.42 5.04 11.17
CA GLY B 159 -0.46 5.65 12.06
C GLY B 159 0.73 6.27 11.38
N PHE B 160 0.74 6.24 10.04
CA PHE B 160 1.88 6.79 9.33
C PHE B 160 1.68 8.13 8.63
N GLY B 161 1.39 9.14 9.46
CA GLY B 161 1.21 10.53 9.05
C GLY B 161 0.40 10.77 7.80
N PRO B 162 0.36 12.04 7.35
CA PRO B 162 -0.39 12.40 6.14
C PRO B 162 0.14 11.62 4.95
N PHE B 163 -0.75 11.25 4.04
CA PHE B 163 -0.38 10.46 2.90
C PHE B 163 -0.11 11.22 1.61
N MET B 164 0.55 10.55 0.68
CA MET B 164 0.91 11.12 -0.61
C MET B 164 -0.31 11.38 -1.49
N PRO B 165 -0.48 12.64 -1.94
CA PRO B 165 -1.60 12.97 -2.81
C PRO B 165 -1.36 12.45 -4.23
N GLY B 166 -2.42 12.39 -5.04
CA GLY B 166 -2.27 11.94 -6.41
C GLY B 166 -2.41 10.45 -6.64
N PHE B 167 -2.71 9.70 -5.60
CA PHE B 167 -2.84 8.26 -5.71
C PHE B 167 -4.31 7.79 -5.66
N ASP B 168 -4.84 7.34 -6.79
CA ASP B 168 -6.23 6.86 -6.84
C ASP B 168 -6.27 5.35 -6.80
N ILE B 169 -7.22 4.81 -6.04
CA ILE B 169 -7.34 3.37 -5.90
C ILE B 169 -8.68 2.87 -6.46
N ILE B 170 -8.64 1.77 -7.20
CA ILE B 170 -9.83 1.16 -7.77
C ILE B 170 -9.77 -0.35 -7.46
N PRO B 171 -10.90 -1.05 -7.57
CA PRO B 171 -10.87 -2.49 -7.28
C PRO B 171 -9.96 -3.23 -8.28
N TYR B 172 -9.35 -4.32 -7.82
CA TYR B 172 -8.48 -5.11 -8.68
C TYR B 172 -9.35 -5.99 -9.56
N ASN B 173 -8.82 -6.41 -10.72
CA ASN B 173 -9.54 -7.30 -11.64
C ASN B 173 -10.90 -6.70 -12.01
N ASP B 174 -10.89 -5.40 -12.34
CA ASP B 174 -12.09 -4.68 -12.68
C ASP B 174 -11.85 -3.74 -13.86
N LEU B 175 -12.12 -4.21 -15.07
CA LEU B 175 -11.94 -3.37 -16.25
C LEU B 175 -12.90 -2.17 -16.26
N PRO B 176 -14.18 -2.37 -15.89
CA PRO B 176 -15.09 -1.22 -15.89
C PRO B 176 -14.63 -0.10 -14.96
N ALA B 177 -14.09 -0.47 -13.80
CA ALA B 177 -13.60 0.51 -12.82
C ALA B 177 -12.37 1.24 -13.36
N LEU B 178 -11.50 0.52 -14.06
CA LEU B 178 -10.32 1.11 -14.65
C LEU B 178 -10.76 2.15 -15.68
N GLU B 179 -11.62 1.72 -16.60
CA GLU B 179 -12.12 2.58 -17.65
C GLU B 179 -12.75 3.84 -17.09
N ARG B 180 -13.51 3.69 -16.03
CA ARG B 180 -14.17 4.81 -15.38
C ARG B 180 -13.10 5.76 -14.82
N ALA B 181 -12.06 5.19 -14.21
CA ALA B 181 -10.98 5.96 -13.62
C ALA B 181 -10.15 6.71 -14.67
N LEU B 182 -9.98 6.09 -15.83
CA LEU B 182 -9.18 6.71 -16.90
C LEU B 182 -9.89 7.83 -17.68
N GLN B 183 -11.05 8.25 -17.19
CA GLN B 183 -11.79 9.34 -17.84
C GLN B 183 -11.16 10.66 -17.45
N ASP B 184 -10.41 10.67 -16.35
CA ASP B 184 -9.74 11.87 -15.89
C ASP B 184 -8.44 12.02 -16.69
N PRO B 185 -8.35 13.07 -17.53
CA PRO B 185 -7.16 13.32 -18.33
C PRO B 185 -5.88 13.52 -17.52
N ASN B 186 -6.02 13.72 -16.21
CA ASN B 186 -4.86 13.94 -15.34
C ASN B 186 -4.18 12.66 -14.88
N VAL B 187 -4.75 11.52 -15.25
CA VAL B 187 -4.15 10.24 -14.89
C VAL B 187 -2.96 9.98 -15.81
N ALA B 188 -1.79 9.79 -15.21
CA ALA B 188 -0.57 9.54 -15.96
C ALA B 188 -0.27 8.06 -16.11
N ALA B 189 -0.64 7.26 -15.11
CA ALA B 189 -0.38 5.83 -15.17
C ALA B 189 -1.27 4.97 -14.28
N PHE B 190 -1.18 3.67 -14.50
CA PHE B 190 -1.91 2.67 -13.73
C PHE B 190 -0.89 1.61 -13.40
N MET B 191 -0.61 1.43 -12.12
CA MET B 191 0.37 0.43 -11.69
C MET B 191 -0.37 -0.80 -11.19
N VAL B 192 -0.05 -1.98 -11.75
CA VAL B 192 -0.69 -3.23 -11.36
C VAL B 192 0.27 -4.41 -11.32
N GLU B 193 -0.06 -5.38 -10.47
CA GLU B 193 0.70 -6.61 -10.34
C GLU B 193 -0.12 -7.60 -11.16
N PRO B 194 0.51 -8.33 -12.10
CA PRO B 194 -0.24 -9.29 -12.91
C PRO B 194 -1.00 -10.28 -12.01
N ILE B 195 -0.43 -10.55 -10.83
CA ILE B 195 -1.03 -11.42 -9.82
C ILE B 195 -0.65 -10.76 -8.52
N GLN B 196 -1.61 -10.47 -7.65
CA GLN B 196 -1.29 -9.83 -6.38
C GLN B 196 -0.77 -10.83 -5.37
N GLY B 197 0.52 -10.73 -5.05
CA GLY B 197 1.13 -11.64 -4.11
C GLY B 197 0.63 -11.51 -2.68
N GLU B 198 1.01 -10.43 -2.02
CA GLU B 198 0.62 -10.23 -0.63
C GLU B 198 -0.87 -10.11 -0.34
N ALA B 199 -1.67 -9.85 -1.36
CA ALA B 199 -3.11 -9.79 -1.19
C ALA B 199 -3.63 -11.21 -0.96
N GLY B 200 -2.81 -12.20 -1.30
CA GLY B 200 -3.16 -13.59 -1.13
C GLY B 200 -3.15 -14.36 -2.45
N VAL B 201 -2.19 -14.05 -3.30
CA VAL B 201 -2.07 -14.67 -4.62
C VAL B 201 -3.40 -14.58 -5.36
N VAL B 202 -3.90 -13.37 -5.53
CA VAL B 202 -5.16 -13.17 -6.23
C VAL B 202 -4.89 -13.03 -7.71
N VAL B 203 -5.29 -14.04 -8.46
CA VAL B 203 -5.10 -14.09 -9.91
C VAL B 203 -6.30 -13.45 -10.58
N PRO B 204 -6.07 -12.46 -11.45
CA PRO B 204 -7.19 -11.79 -12.14
C PRO B 204 -7.78 -12.72 -13.19
N ASP B 205 -8.97 -12.39 -13.67
CA ASP B 205 -9.63 -13.22 -14.67
C ASP B 205 -8.90 -13.13 -16.00
N PRO B 206 -8.91 -14.23 -16.79
CA PRO B 206 -8.24 -14.19 -18.08
C PRO B 206 -8.83 -13.05 -18.91
N GLY B 207 -7.96 -12.30 -19.56
CA GLY B 207 -8.41 -11.16 -20.36
C GLY B 207 -8.21 -9.84 -19.64
N TYR B 208 -8.02 -9.88 -18.33
CA TYR B 208 -7.82 -8.66 -17.55
C TYR B 208 -6.64 -7.84 -18.04
N LEU B 209 -5.48 -8.46 -18.14
CA LEU B 209 -4.27 -7.76 -18.58
C LEU B 209 -4.40 -7.18 -19.98
N MET B 210 -5.11 -7.88 -20.85
CA MET B 210 -5.34 -7.41 -22.22
C MET B 210 -6.24 -6.19 -22.15
N GLY B 211 -7.23 -6.25 -21.28
CA GLY B 211 -8.14 -5.12 -21.11
C GLY B 211 -7.40 -3.91 -20.58
N VAL B 212 -6.54 -4.11 -19.58
CA VAL B 212 -5.78 -3.01 -18.99
C VAL B 212 -4.91 -2.35 -20.05
N ARG B 213 -4.26 -3.17 -20.87
CA ARG B 213 -3.41 -2.66 -21.94
C ARG B 213 -4.22 -1.87 -22.96
N GLU B 214 -5.37 -2.41 -23.37
CA GLU B 214 -6.22 -1.71 -24.34
C GLU B 214 -6.71 -0.37 -23.76
N LEU B 215 -7.15 -0.41 -22.50
CA LEU B 215 -7.65 0.78 -21.82
C LEU B 215 -6.59 1.86 -21.65
N CYS B 216 -5.41 1.47 -21.18
CA CYS B 216 -4.31 2.43 -20.98
C CYS B 216 -3.90 3.07 -22.30
N THR B 217 -3.76 2.25 -23.34
CA THR B 217 -3.38 2.75 -24.65
C THR B 217 -4.41 3.75 -25.18
N ARG B 218 -5.67 3.37 -25.09
CA ARG B 218 -6.75 4.21 -25.55
C ARG B 218 -6.83 5.57 -24.86
N HIS B 219 -6.43 5.62 -23.60
CA HIS B 219 -6.48 6.87 -22.84
C HIS B 219 -5.13 7.55 -22.63
N GLN B 220 -4.10 7.11 -23.35
CA GLN B 220 -2.76 7.69 -23.24
C GLN B 220 -2.29 7.66 -21.78
N VAL B 221 -2.42 6.49 -21.16
CA VAL B 221 -2.03 6.26 -19.78
C VAL B 221 -0.97 5.17 -19.76
N LEU B 222 0.07 5.34 -18.95
CA LEU B 222 1.13 4.34 -18.88
C LEU B 222 0.68 3.14 -18.08
N PHE B 223 0.99 1.96 -18.62
CA PHE B 223 0.65 0.70 -17.99
C PHE B 223 1.94 0.25 -17.28
N ILE B 224 1.95 0.36 -15.96
CA ILE B 224 3.12 -0.04 -15.19
C ILE B 224 2.82 -1.41 -14.57
N ALA B 225 3.61 -2.41 -14.93
CA ALA B 225 3.43 -3.75 -14.42
C ALA B 225 4.48 -4.03 -13.36
N ASP B 226 4.01 -4.28 -12.15
CA ASP B 226 4.90 -4.60 -11.03
C ASP B 226 5.13 -6.11 -11.12
N GLU B 227 6.28 -6.50 -11.68
CA GLU B 227 6.64 -7.90 -11.82
C GLU B 227 7.76 -8.26 -10.84
N ILE B 228 7.88 -7.48 -9.77
CA ILE B 228 8.92 -7.68 -8.76
C ILE B 228 8.78 -9.04 -8.08
N GLN B 229 7.57 -9.59 -8.04
CA GLN B 229 7.37 -10.88 -7.41
C GLN B 229 6.85 -11.95 -8.36
N THR B 230 6.12 -11.52 -9.39
CA THR B 230 5.56 -12.47 -10.36
C THR B 230 6.48 -12.77 -11.55
N GLY B 231 7.43 -11.89 -11.79
CA GLY B 231 8.32 -12.07 -12.92
C GLY B 231 9.43 -13.08 -12.70
N LEU B 232 10.36 -13.11 -13.66
CA LEU B 232 11.52 -14.00 -13.62
C LEU B 232 11.19 -15.48 -13.37
N ALA B 233 10.38 -16.04 -14.28
CA ALA B 233 10.00 -17.44 -14.24
C ALA B 233 9.08 -17.93 -13.13
N ARG B 234 8.90 -17.14 -12.07
CA ARG B 234 8.06 -17.52 -10.94
C ARG B 234 6.69 -18.09 -11.28
N THR B 235 5.98 -17.44 -12.19
CA THR B 235 4.64 -17.88 -12.58
C THR B 235 4.64 -18.82 -13.78
N GLY B 236 5.80 -19.05 -14.36
CA GLY B 236 5.89 -19.95 -15.49
C GLY B 236 6.28 -19.29 -16.79
N ARG B 237 6.56 -17.98 -16.72
CA ARG B 237 6.96 -17.21 -17.89
C ARG B 237 8.02 -16.22 -17.43
N TRP B 238 8.69 -15.56 -18.37
CA TRP B 238 9.70 -14.57 -18.01
C TRP B 238 9.01 -13.48 -17.21
N LEU B 239 7.78 -13.14 -17.63
CA LEU B 239 6.94 -12.15 -16.96
C LEU B 239 5.55 -12.74 -16.94
N ALA B 240 4.83 -12.59 -15.84
CA ALA B 240 3.47 -13.13 -15.73
C ALA B 240 2.59 -12.57 -16.84
N VAL B 241 2.85 -11.33 -17.22
CA VAL B 241 2.10 -10.64 -18.26
C VAL B 241 2.23 -11.34 -19.63
N ASP B 242 3.26 -12.18 -19.78
CA ASP B 242 3.49 -12.92 -21.01
C ASP B 242 2.34 -13.89 -21.30
N TYR B 243 1.62 -14.28 -20.26
CA TYR B 243 0.48 -15.19 -20.38
C TYR B 243 -0.60 -14.67 -21.31
N GLU B 244 -0.67 -13.35 -21.47
CA GLU B 244 -1.64 -12.72 -22.35
C GLU B 244 -0.97 -11.90 -23.45
N ASN B 245 0.35 -12.05 -23.58
CA ASN B 245 1.12 -11.35 -24.60
C ASN B 245 0.96 -9.84 -24.50
N VAL B 246 0.90 -9.33 -23.28
CA VAL B 246 0.72 -7.90 -23.07
C VAL B 246 2.09 -7.23 -22.86
N ARG B 247 2.27 -6.06 -23.46
CA ARG B 247 3.53 -5.34 -23.29
C ARG B 247 3.26 -4.06 -22.49
N PRO B 248 3.54 -4.09 -21.18
CA PRO B 248 3.34 -2.92 -20.33
C PRO B 248 4.25 -1.80 -20.80
N ASP B 249 3.95 -0.57 -20.37
CA ASP B 249 4.78 0.57 -20.75
C ASP B 249 6.04 0.57 -19.90
N ILE B 250 5.89 0.15 -18.64
CA ILE B 250 7.01 0.09 -17.71
C ILE B 250 6.94 -1.25 -16.97
N VAL B 251 8.07 -1.92 -16.83
CA VAL B 251 8.10 -3.19 -16.11
C VAL B 251 9.05 -3.06 -14.92
N LEU B 252 8.60 -3.49 -13.76
CA LEU B 252 9.42 -3.42 -12.54
C LEU B 252 9.89 -4.83 -12.18
N LEU B 253 11.19 -4.98 -11.96
CA LEU B 253 11.79 -6.26 -11.59
C LEU B 253 12.59 -6.07 -10.32
N GLY B 254 12.74 -7.14 -9.55
CA GLY B 254 13.50 -7.07 -8.32
C GLY B 254 13.67 -8.47 -7.78
N LYS B 255 13.75 -8.59 -6.46
CA LYS B 255 13.91 -9.87 -5.77
C LYS B 255 14.82 -10.92 -6.42
N ALA B 256 14.25 -11.82 -7.20
CA ALA B 256 15.02 -12.88 -7.87
C ALA B 256 16.00 -12.39 -8.91
N LEU B 257 15.99 -11.09 -9.17
CA LEU B 257 16.91 -10.52 -10.15
C LEU B 257 18.38 -10.74 -9.74
N SER B 258 18.60 -11.14 -8.48
CA SER B 258 19.94 -11.37 -7.97
C SER B 258 20.05 -12.75 -7.29
N GLY B 259 18.98 -13.53 -7.33
CA GLY B 259 18.98 -14.83 -6.70
C GLY B 259 19.04 -14.75 -5.19
N GLY B 260 18.79 -13.56 -4.64
CA GLY B 260 18.81 -13.38 -3.21
C GLY B 260 20.20 -13.10 -2.67
N LEU B 261 21.15 -12.79 -3.55
CA LEU B 261 22.53 -12.52 -3.16
C LEU B 261 22.88 -11.06 -3.04
N TYR B 262 21.99 -10.19 -3.50
CA TYR B 262 22.26 -8.76 -3.48
C TYR B 262 20.97 -8.01 -3.82
N PRO B 263 20.71 -6.85 -3.17
CA PRO B 263 19.48 -6.11 -3.49
C PRO B 263 19.64 -5.44 -4.85
N VAL B 264 19.03 -6.02 -5.88
CA VAL B 264 19.10 -5.46 -7.22
C VAL B 264 17.66 -5.29 -7.72
N SER B 265 17.37 -4.12 -8.30
CA SER B 265 16.05 -3.80 -8.79
C SER B 265 16.17 -3.15 -10.16
N ALA B 266 15.12 -3.22 -10.97
CA ALA B 266 15.17 -2.65 -12.31
C ALA B 266 13.83 -2.14 -12.81
N VAL B 267 13.86 -1.05 -13.57
CA VAL B 267 12.66 -0.49 -14.16
C VAL B 267 12.96 -0.32 -15.65
N LEU B 268 12.20 -1.07 -16.46
CA LEU B 268 12.35 -1.10 -17.90
C LEU B 268 11.27 -0.34 -18.65
N CYS B 269 11.68 0.43 -19.65
CA CYS B 269 10.76 1.20 -20.49
C CYS B 269 11.50 1.78 -21.69
N ASP B 270 10.75 2.25 -22.66
CA ASP B 270 11.33 2.84 -23.86
C ASP B 270 11.77 4.28 -23.66
N ASP B 271 12.54 4.77 -24.63
CA ASP B 271 13.09 6.13 -24.59
C ASP B 271 12.10 7.26 -24.37
N ASP B 272 10.95 7.21 -25.03
CA ASP B 272 9.95 8.27 -24.88
C ASP B 272 9.53 8.46 -23.42
N ILE B 273 9.64 7.41 -22.62
CA ILE B 273 9.29 7.50 -21.21
C ILE B 273 10.53 7.69 -20.36
N MET B 274 11.50 6.80 -20.53
CA MET B 274 12.75 6.80 -19.77
C MET B 274 13.50 8.11 -19.81
N LEU B 275 13.61 8.71 -20.99
CA LEU B 275 14.35 9.95 -21.15
C LEU B 275 13.69 11.23 -20.66
N THR B 276 12.55 11.12 -19.98
CA THR B 276 11.88 12.30 -19.44
C THR B 276 12.67 12.76 -18.22
N ILE B 277 13.43 11.85 -17.64
CA ILE B 277 14.26 12.15 -16.48
C ILE B 277 15.66 12.51 -16.98
N LYS B 278 16.07 13.74 -16.72
CA LYS B 278 17.37 14.27 -17.12
C LYS B 278 18.48 13.93 -16.14
N PRO B 279 19.75 14.12 -16.56
CA PRO B 279 20.90 13.85 -15.71
C PRO B 279 20.81 14.66 -14.40
N GLY B 280 20.99 13.97 -13.29
CA GLY B 280 20.94 14.62 -11.99
C GLY B 280 19.56 14.73 -11.37
N GLU B 281 18.54 14.20 -12.04
CA GLU B 281 17.18 14.28 -11.52
C GLU B 281 16.70 13.04 -10.77
N HIS B 282 17.46 11.95 -10.82
CA HIS B 282 17.09 10.73 -10.12
C HIS B 282 18.28 9.80 -10.00
N GLY B 283 18.34 9.05 -8.91
CA GLY B 283 19.45 8.13 -8.74
C GLY B 283 19.41 7.35 -7.44
N SER B 284 20.57 6.85 -7.05
CA SER B 284 20.74 6.04 -5.84
C SER B 284 22.24 5.81 -5.71
N THR B 285 22.74 5.73 -4.48
CA THR B 285 24.16 5.50 -4.27
C THR B 285 24.60 4.14 -4.82
N TYR B 286 23.90 3.07 -4.44
CA TYR B 286 24.25 1.73 -4.88
C TYR B 286 23.67 1.27 -6.22
N GLY B 287 22.69 2.00 -6.74
CA GLY B 287 22.07 1.62 -7.99
C GLY B 287 23.03 1.47 -9.15
N GLY B 288 23.07 0.29 -9.74
CA GLY B 288 23.93 0.04 -10.88
C GLY B 288 25.38 -0.25 -10.53
N ASN B 289 25.65 -0.65 -9.29
CA ASN B 289 27.02 -0.94 -8.88
C ASN B 289 27.52 -2.22 -9.57
N PRO B 290 28.85 -2.33 -9.77
CA PRO B 290 29.50 -3.47 -10.42
C PRO B 290 29.13 -4.83 -9.86
N LEU B 291 29.20 -4.96 -8.54
CA LEU B 291 28.90 -6.21 -7.87
C LEU B 291 27.47 -6.69 -8.12
N GLY B 292 26.50 -5.81 -7.92
CA GLY B 292 25.12 -6.15 -8.14
C GLY B 292 24.84 -6.52 -9.59
N CYS B 293 25.54 -5.88 -10.52
CA CYS B 293 25.33 -6.16 -11.93
C CYS B 293 25.81 -7.54 -12.35
N ARG B 294 26.93 -7.99 -11.80
CA ARG B 294 27.45 -9.31 -12.14
C ARG B 294 26.52 -10.38 -11.60
N VAL B 295 26.02 -10.21 -10.38
CA VAL B 295 25.11 -11.19 -9.81
C VAL B 295 23.80 -11.18 -10.59
N ALA B 296 23.37 -10.02 -11.04
CA ALA B 296 22.13 -9.89 -11.81
C ALA B 296 22.22 -10.62 -13.14
N ILE B 297 23.34 -10.44 -13.84
CA ILE B 297 23.56 -11.13 -15.12
C ILE B 297 23.55 -12.64 -14.90
N ALA B 298 24.25 -13.08 -13.87
CA ALA B 298 24.33 -14.50 -13.55
C ALA B 298 22.96 -15.08 -13.16
N ALA B 299 22.21 -14.34 -12.35
CA ALA B 299 20.89 -14.79 -11.91
C ALA B 299 19.93 -14.94 -13.08
N LEU B 300 20.04 -14.04 -14.05
CA LEU B 300 19.21 -14.08 -15.24
C LEU B 300 19.62 -15.27 -16.12
N GLU B 301 20.92 -15.50 -16.24
CA GLU B 301 21.41 -16.62 -17.04
C GLU B 301 20.93 -17.95 -16.48
N VAL B 302 20.98 -18.09 -15.16
CA VAL B 302 20.51 -19.32 -14.51
C VAL B 302 19.07 -19.62 -14.94
N LEU B 303 18.21 -18.60 -14.83
CA LEU B 303 16.80 -18.72 -15.20
C LEU B 303 16.64 -19.19 -16.65
N GLU B 304 17.49 -18.67 -17.52
CA GLU B 304 17.49 -19.01 -18.93
C GLU B 304 17.99 -20.43 -19.18
N GLU B 305 19.27 -20.66 -18.86
CA GLU B 305 19.94 -21.95 -19.05
C GLU B 305 19.19 -23.14 -18.48
N GLU B 306 18.71 -22.99 -17.25
CA GLU B 306 18.00 -24.08 -16.59
C GLU B 306 16.50 -24.16 -16.90
N ASN B 307 16.04 -23.36 -17.86
CA ASN B 307 14.64 -23.35 -18.26
C ASN B 307 13.68 -23.43 -17.08
N LEU B 308 13.97 -22.62 -16.06
CA LEU B 308 13.17 -22.60 -14.85
C LEU B 308 11.72 -22.21 -15.05
N ALA B 309 11.44 -21.42 -16.09
CA ALA B 309 10.08 -21.01 -16.36
C ALA B 309 9.19 -22.21 -16.72
N GLU B 310 9.62 -22.97 -17.72
CA GLU B 310 8.86 -24.14 -18.13
C GLU B 310 8.71 -25.13 -16.99
N ASN B 311 9.74 -25.20 -16.13
CA ASN B 311 9.68 -26.11 -14.98
C ASN B 311 8.61 -25.64 -14.02
N ALA B 312 8.60 -24.34 -13.72
CA ALA B 312 7.62 -23.74 -12.82
C ALA B 312 6.20 -23.97 -13.32
N ASP B 313 6.01 -23.83 -14.63
CA ASP B 313 4.71 -24.02 -15.24
C ASP B 313 4.26 -25.47 -15.08
N LYS B 314 5.11 -26.41 -15.46
CA LYS B 314 4.78 -27.84 -15.35
C LYS B 314 4.45 -28.28 -13.93
N LEU B 315 5.37 -28.04 -13.00
CA LEU B 315 5.20 -28.43 -11.59
C LEU B 315 4.09 -27.68 -10.84
N GLY B 316 3.81 -26.44 -11.22
CA GLY B 316 2.76 -25.68 -10.57
C GLY B 316 1.42 -26.37 -10.74
N ILE B 317 1.20 -26.88 -11.93
CA ILE B 317 -0.04 -27.58 -12.26
C ILE B 317 -0.24 -28.76 -11.31
N ILE B 318 0.82 -29.55 -11.15
CA ILE B 318 0.81 -30.72 -10.29
C ILE B 318 0.50 -30.29 -8.86
N LEU B 319 1.20 -29.27 -8.41
CA LEU B 319 1.04 -28.74 -7.06
C LEU B 319 -0.41 -28.36 -6.79
N ARG B 320 -1.00 -27.60 -7.70
CA ARG B 320 -2.39 -27.18 -7.54
C ARG B 320 -3.38 -28.34 -7.65
N ASN B 321 -3.18 -29.23 -8.61
CA ASN B 321 -4.07 -30.37 -8.79
C ASN B 321 -4.10 -31.24 -7.53
N GLU B 322 -2.93 -31.46 -6.94
CA GLU B 322 -2.84 -32.27 -5.73
C GLU B 322 -3.48 -31.55 -4.56
N LEU B 323 -3.20 -30.26 -4.40
CA LEU B 323 -3.77 -29.47 -3.31
C LEU B 323 -5.28 -29.45 -3.36
N MET B 324 -5.84 -29.44 -4.57
CA MET B 324 -7.29 -29.42 -4.75
C MET B 324 -7.97 -30.71 -4.31
N LYS B 325 -7.17 -31.76 -4.08
CA LYS B 325 -7.70 -33.04 -3.63
C LYS B 325 -8.02 -33.01 -2.13
N LEU B 326 -7.57 -31.95 -1.46
CA LEU B 326 -7.81 -31.79 -0.03
C LEU B 326 -9.27 -31.49 0.24
N PRO B 327 -9.77 -31.88 1.42
CA PRO B 327 -11.17 -31.66 1.82
C PRO B 327 -11.58 -30.18 1.91
N SER B 328 -12.69 -29.86 1.26
CA SER B 328 -13.24 -28.50 1.22
C SER B 328 -13.52 -27.89 2.60
N ASP B 329 -13.82 -28.74 3.58
CA ASP B 329 -14.08 -28.26 4.93
C ASP B 329 -12.78 -27.79 5.56
N VAL B 330 -11.68 -28.10 4.88
CA VAL B 330 -10.33 -27.76 5.31
C VAL B 330 -9.77 -26.63 4.44
N VAL B 331 -9.53 -26.94 3.18
CA VAL B 331 -9.00 -26.00 2.21
C VAL B 331 -10.16 -25.53 1.35
N THR B 332 -10.53 -24.25 1.52
CA THR B 332 -11.64 -23.67 0.79
C THR B 332 -11.30 -23.17 -0.63
N ALA B 333 -10.01 -23.04 -0.92
CA ALA B 333 -9.59 -22.57 -2.24
C ALA B 333 -8.10 -22.82 -2.48
N VAL B 334 -7.75 -23.05 -3.74
CA VAL B 334 -6.37 -23.28 -4.17
C VAL B 334 -6.18 -22.42 -5.41
N ARG B 335 -5.18 -21.53 -5.41
CA ARG B 335 -4.94 -20.67 -6.56
C ARG B 335 -3.48 -20.37 -6.81
N GLY B 336 -3.18 -19.94 -8.04
CA GLY B 336 -1.82 -19.58 -8.41
C GLY B 336 -1.47 -19.83 -9.87
N LYS B 337 -0.23 -19.53 -10.21
CA LYS B 337 0.32 -19.75 -11.55
C LYS B 337 1.78 -20.11 -11.33
N GLY B 338 2.28 -21.06 -12.10
CA GLY B 338 3.66 -21.50 -11.94
C GLY B 338 3.85 -21.89 -10.50
N LEU B 339 4.95 -21.47 -9.89
CA LEU B 339 5.18 -21.79 -8.49
C LEU B 339 4.81 -20.68 -7.51
N LEU B 340 3.84 -19.85 -7.90
CA LEU B 340 3.33 -18.79 -7.04
C LEU B 340 1.91 -19.26 -6.76
N ASN B 341 1.72 -19.96 -5.65
CA ASN B 341 0.42 -20.51 -5.30
C ASN B 341 0.03 -20.23 -3.87
N ALA B 342 -1.22 -20.52 -3.54
CA ALA B 342 -1.74 -20.30 -2.19
C ALA B 342 -3.01 -21.11 -1.94
N ILE B 343 -3.22 -21.48 -0.69
CA ILE B 343 -4.43 -22.21 -0.29
C ILE B 343 -5.13 -21.38 0.77
N VAL B 344 -6.45 -21.44 0.79
CA VAL B 344 -7.22 -20.70 1.77
C VAL B 344 -7.75 -21.68 2.82
N ILE B 345 -7.25 -21.52 4.03
CA ILE B 345 -7.62 -22.34 5.18
C ILE B 345 -8.93 -21.86 5.80
N LYS B 346 -9.87 -22.78 5.98
CA LYS B 346 -11.14 -22.46 6.61
C LYS B 346 -10.87 -22.35 8.10
N GLU B 347 -10.59 -21.14 8.58
CA GLU B 347 -10.30 -20.91 10.00
C GLU B 347 -11.51 -21.25 10.87
N THR B 348 -11.31 -22.13 11.84
CA THR B 348 -12.38 -22.54 12.73
C THR B 348 -11.93 -22.37 14.18
N LYS B 349 -12.79 -22.81 15.10
CA LYS B 349 -12.53 -22.72 16.52
C LYS B 349 -11.12 -23.09 16.93
N ASP B 350 -10.64 -24.26 16.48
CA ASP B 350 -9.30 -24.69 16.82
C ASP B 350 -8.19 -24.23 15.89
N TRP B 351 -8.19 -24.71 14.64
CA TRP B 351 -7.12 -24.38 13.72
C TRP B 351 -7.17 -23.05 12.95
N ASP B 352 -6.01 -22.67 12.42
CA ASP B 352 -5.82 -21.47 11.62
C ASP B 352 -4.52 -21.63 10.83
N ALA B 353 -4.30 -20.75 9.85
CA ALA B 353 -3.11 -20.80 9.00
C ALA B 353 -1.78 -20.81 9.73
N TRP B 354 -1.67 -20.05 10.83
CA TRP B 354 -0.44 -19.99 11.61
C TRP B 354 -0.14 -21.37 12.19
N LYS B 355 -1.17 -21.98 12.78
CA LYS B 355 -1.04 -23.30 13.38
C LYS B 355 -0.63 -24.30 12.31
N VAL B 356 -1.27 -24.23 11.15
CA VAL B 356 -0.96 -25.12 10.05
C VAL B 356 0.52 -24.94 9.68
N CYS B 357 0.98 -23.69 9.65
CA CYS B 357 2.36 -23.40 9.30
C CYS B 357 3.33 -23.84 10.40
N LEU B 358 2.89 -23.80 11.64
CA LEU B 358 3.74 -24.25 12.74
C LEU B 358 3.94 -25.76 12.64
N ARG B 359 2.85 -26.49 12.41
CA ARG B 359 2.89 -27.94 12.28
C ARG B 359 3.61 -28.35 11.00
N LEU B 360 3.41 -27.54 9.95
CA LEU B 360 4.04 -27.76 8.65
C LEU B 360 5.55 -27.67 8.88
N ARG B 361 5.95 -26.70 9.70
CA ARG B 361 7.34 -26.49 10.07
C ARG B 361 7.85 -27.75 10.75
N ASP B 362 7.06 -28.26 11.70
CA ASP B 362 7.40 -29.47 12.44
C ASP B 362 7.56 -30.66 11.52
N ASN B 363 6.88 -30.64 10.39
CA ASN B 363 6.97 -31.74 9.45
C ASN B 363 8.01 -31.53 8.35
N GLY B 364 8.84 -30.49 8.52
CA GLY B 364 9.90 -30.20 7.56
C GLY B 364 9.61 -29.30 6.38
N LEU B 365 8.56 -28.49 6.45
CA LEU B 365 8.24 -27.59 5.35
C LEU B 365 8.00 -26.16 5.88
N LEU B 366 8.71 -25.20 5.30
CA LEU B 366 8.58 -23.81 5.72
C LEU B 366 7.68 -22.95 4.83
N ALA B 367 6.64 -22.39 5.42
CA ALA B 367 5.70 -21.52 4.71
C ALA B 367 5.12 -20.52 5.72
N LYS B 368 4.48 -19.46 5.23
CA LYS B 368 3.88 -18.45 6.09
C LYS B 368 2.55 -17.94 5.53
N PRO B 369 1.57 -17.69 6.42
CA PRO B 369 0.27 -17.19 5.99
C PRO B 369 0.35 -15.71 5.61
N THR B 370 -0.34 -15.33 4.53
CA THR B 370 -0.34 -13.95 4.06
C THR B 370 -1.39 -13.10 4.77
N HIS B 371 -2.62 -13.62 4.88
CA HIS B 371 -3.69 -12.87 5.52
C HIS B 371 -4.49 -13.68 6.54
N GLY B 372 -3.79 -14.27 7.50
CA GLY B 372 -4.46 -15.04 8.54
C GLY B 372 -5.03 -16.39 8.15
N ASP B 373 -5.69 -16.46 7.00
CA ASP B 373 -6.28 -17.72 6.54
C ASP B 373 -5.77 -18.13 5.17
N ILE B 374 -4.77 -17.42 4.67
CA ILE B 374 -4.22 -17.73 3.35
C ILE B 374 -2.77 -18.17 3.53
N ILE B 375 -2.42 -19.33 2.99
CA ILE B 375 -1.06 -19.83 3.10
C ILE B 375 -0.42 -19.87 1.72
N ARG B 376 0.75 -19.27 1.58
CA ARG B 376 1.45 -19.26 0.31
C ARG B 376 2.39 -20.46 0.17
N PHE B 377 2.41 -21.03 -1.03
CA PHE B 377 3.26 -22.15 -1.36
C PHE B 377 4.07 -21.76 -2.59
N ALA B 378 5.30 -21.32 -2.36
CA ALA B 378 6.17 -20.91 -3.47
C ALA B 378 7.61 -21.38 -3.26
N PRO B 379 7.91 -22.63 -3.63
CA PRO B 379 9.25 -23.20 -3.49
C PRO B 379 10.16 -22.81 -4.65
N PRO B 380 11.48 -22.77 -4.43
CA PRO B 380 12.42 -22.41 -5.49
C PRO B 380 12.10 -23.14 -6.78
N LEU B 381 12.25 -22.43 -7.91
CA LEU B 381 11.96 -22.97 -9.22
C LEU B 381 12.86 -24.14 -9.64
N VAL B 382 13.91 -24.38 -8.86
CA VAL B 382 14.83 -25.47 -9.15
C VAL B 382 14.35 -26.80 -8.56
N ILE B 383 13.17 -26.77 -7.95
CA ILE B 383 12.60 -27.97 -7.33
C ILE B 383 12.30 -29.04 -8.40
N LYS B 384 12.40 -30.30 -8.02
CA LYS B 384 12.13 -31.42 -8.93
C LYS B 384 10.78 -32.03 -8.59
N GLU B 385 10.20 -32.76 -9.54
CA GLU B 385 8.89 -33.38 -9.35
C GLU B 385 8.78 -34.27 -8.13
N ASP B 386 9.79 -35.11 -7.90
CA ASP B 386 9.79 -36.00 -6.75
C ASP B 386 9.87 -35.21 -5.43
N GLU B 387 10.72 -34.18 -5.44
CA GLU B 387 10.89 -33.31 -4.28
C GLU B 387 9.57 -32.59 -4.01
N LEU B 388 8.93 -32.16 -5.09
CA LEU B 388 7.63 -31.48 -4.99
C LEU B 388 6.62 -32.47 -4.43
N ARG B 389 6.62 -33.68 -4.97
CA ARG B 389 5.73 -34.75 -4.53
C ARG B 389 5.93 -35.05 -3.05
N GLU B 390 7.17 -35.02 -2.57
CA GLU B 390 7.44 -35.30 -1.17
C GLU B 390 6.86 -34.18 -0.31
N SER B 391 7.15 -32.93 -0.67
CA SER B 391 6.64 -31.80 0.09
C SER B 391 5.11 -31.80 0.07
N ILE B 392 4.53 -32.15 -1.08
CA ILE B 392 3.07 -32.23 -1.22
C ILE B 392 2.52 -33.18 -0.15
N GLU B 393 3.19 -34.30 0.06
CA GLU B 393 2.73 -35.25 1.06
C GLU B 393 2.88 -34.70 2.48
N ILE B 394 3.91 -33.86 2.69
CA ILE B 394 4.12 -33.23 3.99
C ILE B 394 2.96 -32.27 4.24
N ILE B 395 2.51 -31.62 3.17
CA ILE B 395 1.39 -30.70 3.25
C ILE B 395 0.12 -31.50 3.57
N ASN B 396 -0.08 -32.60 2.86
CA ASN B 396 -1.25 -33.46 3.06
C ASN B 396 -1.38 -33.96 4.49
N LYS B 397 -0.33 -34.59 5.01
CA LYS B 397 -0.36 -35.12 6.37
C LYS B 397 -0.64 -34.04 7.40
N THR B 398 0.04 -32.90 7.27
CA THR B 398 -0.15 -31.79 8.19
C THR B 398 -1.59 -31.30 8.14
N ILE B 399 -2.09 -31.07 6.93
CA ILE B 399 -3.45 -30.60 6.74
C ILE B 399 -4.46 -31.59 7.32
N LEU B 400 -4.20 -32.88 7.12
CA LEU B 400 -5.09 -33.93 7.59
C LEU B 400 -4.85 -34.41 9.02
N SER B 401 -4.05 -33.67 9.78
CA SER B 401 -3.78 -34.06 11.16
C SER B 401 -4.57 -33.25 12.19
N PHE B 402 -5.35 -32.29 11.69
CA PHE B 402 -6.16 -31.45 12.57
C PHE B 402 -7.58 -32.02 12.73
N PRO C 1 -53.68 -13.37 -18.01
CA PRO C 1 -54.35 -14.39 -17.17
C PRO C 1 -53.48 -15.52 -16.64
N THR C 2 -52.58 -16.06 -17.47
CA THR C 2 -51.69 -17.15 -17.02
C THR C 2 -50.32 -16.59 -16.69
N SER C 3 -49.61 -17.25 -15.76
CA SER C 3 -48.26 -16.81 -15.39
C SER C 3 -47.42 -16.61 -16.64
N ASP C 4 -47.36 -17.63 -17.49
CA ASP C 4 -46.58 -17.52 -18.72
C ASP C 4 -47.10 -16.42 -19.64
N ASP C 5 -48.41 -16.19 -19.64
CA ASP C 5 -49.01 -15.12 -20.45
C ASP C 5 -48.56 -13.78 -19.92
N ILE C 6 -48.46 -13.69 -18.59
CA ILE C 6 -48.04 -12.49 -17.89
C ILE C 6 -46.58 -12.20 -18.21
N PHE C 7 -45.75 -13.23 -18.14
CA PHE C 7 -44.33 -13.09 -18.45
C PHE C 7 -44.20 -12.64 -19.90
N GLU C 8 -44.93 -13.33 -20.77
CA GLU C 8 -44.95 -13.07 -22.21
C GLU C 8 -45.34 -11.62 -22.54
N ARG C 9 -46.40 -11.12 -21.90
CA ARG C 9 -46.88 -9.77 -22.14
C ARG C 9 -45.86 -8.72 -21.71
N GLU C 10 -45.32 -8.86 -20.50
CA GLU C 10 -44.34 -7.90 -20.01
C GLU C 10 -43.12 -7.88 -20.92
N TYR C 11 -42.69 -9.05 -21.37
CA TYR C 11 -41.53 -9.17 -22.24
C TYR C 11 -41.73 -8.40 -23.54
N LYS C 12 -42.97 -8.31 -23.98
CA LYS C 12 -43.29 -7.63 -25.22
C LYS C 12 -43.49 -6.12 -25.10
N TYR C 13 -44.18 -5.68 -24.05
CA TYR C 13 -44.47 -4.25 -23.87
C TYR C 13 -43.68 -3.52 -22.80
N GLY C 14 -42.80 -4.23 -22.11
CA GLY C 14 -42.03 -3.59 -21.06
C GLY C 14 -40.55 -3.70 -21.28
N ALA C 15 -39.81 -2.73 -20.75
CA ALA C 15 -38.35 -2.70 -20.86
C ALA C 15 -37.79 -3.94 -20.17
N HIS C 16 -36.64 -4.44 -20.64
CA HIS C 16 -36.03 -5.62 -20.05
C HIS C 16 -34.98 -5.23 -19.03
N ASN C 17 -35.28 -4.27 -18.17
CA ASN C 17 -34.34 -3.84 -17.15
C ASN C 17 -34.34 -4.76 -15.93
N TYR C 18 -35.16 -5.81 -15.99
CA TYR C 18 -35.26 -6.78 -14.91
C TYR C 18 -35.35 -8.21 -15.43
N HIS C 19 -35.00 -9.14 -14.56
CA HIS C 19 -35.11 -10.56 -14.84
C HIS C 19 -35.60 -11.14 -13.52
N PRO C 20 -36.90 -10.99 -13.25
CA PRO C 20 -37.54 -11.47 -12.02
C PRO C 20 -37.58 -12.98 -11.93
N LEU C 21 -37.94 -13.47 -10.74
CA LEU C 21 -38.08 -14.89 -10.51
C LEU C 21 -39.43 -15.18 -11.18
N PRO C 22 -39.47 -16.20 -12.04
CA PRO C 22 -40.72 -16.56 -12.74
C PRO C 22 -41.88 -16.97 -11.85
N VAL C 23 -42.55 -15.97 -11.27
CA VAL C 23 -43.71 -16.15 -10.40
C VAL C 23 -44.57 -14.93 -10.70
N ALA C 24 -45.86 -15.12 -10.91
CA ALA C 24 -46.75 -14.00 -11.21
C ALA C 24 -47.80 -13.81 -10.12
N LEU C 25 -47.48 -12.95 -9.15
CA LEU C 25 -48.38 -12.70 -8.04
C LEU C 25 -49.55 -11.79 -8.38
N GLU C 26 -50.69 -12.00 -7.71
CA GLU C 26 -51.88 -11.19 -7.93
C GLU C 26 -52.51 -10.75 -6.62
N ARG C 27 -52.11 -11.36 -5.52
CA ARG C 27 -52.64 -11.00 -4.21
C ARG C 27 -51.63 -11.23 -3.10
N GLY C 28 -51.73 -10.44 -2.05
CA GLY C 28 -50.82 -10.57 -0.94
C GLY C 28 -51.49 -10.04 0.31
N LYS C 29 -51.30 -10.74 1.43
CA LYS C 29 -51.88 -10.32 2.71
C LYS C 29 -50.91 -10.80 3.77
N GLY C 30 -50.45 -9.88 4.61
CA GLY C 30 -49.51 -10.24 5.65
C GLY C 30 -48.23 -10.79 5.04
N ILE C 31 -47.82 -11.97 5.52
CA ILE C 31 -46.60 -12.62 5.06
C ILE C 31 -46.82 -13.49 3.81
N TYR C 32 -48.04 -13.51 3.30
CA TYR C 32 -48.35 -14.35 2.16
C TYR C 32 -48.60 -13.64 0.84
N LEU C 33 -48.29 -14.35 -0.24
CA LEU C 33 -48.48 -13.87 -1.60
C LEU C 33 -49.12 -15.04 -2.37
N TRP C 34 -50.01 -14.73 -3.31
CA TRP C 34 -50.70 -15.74 -4.11
C TRP C 34 -50.51 -15.40 -5.58
N ASP C 35 -50.15 -16.39 -6.39
CA ASP C 35 -49.97 -16.14 -7.81
C ASP C 35 -51.28 -16.33 -8.56
N VAL C 36 -51.28 -16.08 -9.87
CA VAL C 36 -52.49 -16.22 -10.67
C VAL C 36 -53.10 -17.61 -10.70
N GLU C 37 -52.34 -18.63 -10.30
CA GLU C 37 -52.86 -19.99 -10.26
C GLU C 37 -53.41 -20.33 -8.86
N GLY C 38 -53.47 -19.33 -7.99
CA GLY C 38 -53.97 -19.54 -6.64
C GLY C 38 -52.96 -20.09 -5.66
N ARG C 39 -51.77 -20.44 -6.12
CA ARG C 39 -50.73 -20.97 -5.25
C ARG C 39 -50.28 -19.94 -4.21
N LYS C 40 -50.26 -20.36 -2.95
CA LYS C 40 -49.86 -19.49 -1.84
C LYS C 40 -48.35 -19.59 -1.61
N TYR C 41 -47.74 -18.50 -1.17
CA TYR C 41 -46.30 -18.47 -0.90
C TYR C 41 -45.96 -17.62 0.30
N PHE C 42 -44.84 -17.95 0.93
CA PHE C 42 -44.33 -17.18 2.07
C PHE C 42 -43.49 -16.10 1.39
N ASP C 43 -43.64 -14.85 1.81
CA ASP C 43 -42.84 -13.79 1.22
C ASP C 43 -41.58 -13.56 2.03
N PHE C 44 -40.45 -14.05 1.53
CA PHE C 44 -39.19 -13.89 2.24
C PHE C 44 -38.30 -12.81 1.64
N LEU C 45 -38.95 -11.80 1.08
CA LEU C 45 -38.26 -10.68 0.45
C LEU C 45 -38.84 -9.34 0.94
N SER C 46 -40.13 -9.35 1.28
CA SER C 46 -40.82 -8.16 1.76
C SER C 46 -40.66 -6.95 0.83
N SER C 47 -40.68 -7.19 -0.46
CA SER C 47 -40.52 -6.14 -1.46
C SER C 47 -39.28 -5.30 -1.12
N TYR C 48 -38.19 -6.00 -0.82
CA TYR C 48 -36.92 -5.37 -0.48
C TYR C 48 -37.01 -4.49 0.75
N SER C 49 -37.80 -4.95 1.71
CA SER C 49 -38.00 -4.26 2.99
C SER C 49 -39.01 -3.12 2.95
N ALA C 50 -39.91 -3.15 1.96
CA ALA C 50 -40.93 -2.13 1.83
C ALA C 50 -42.23 -2.51 2.53
N VAL C 51 -42.47 -3.81 2.67
CA VAL C 51 -43.68 -4.29 3.33
C VAL C 51 -43.41 -4.93 4.71
N ASN C 52 -42.71 -4.20 5.56
CA ASN C 52 -42.38 -4.68 6.90
C ASN C 52 -43.64 -5.04 7.69
N GLN C 53 -44.67 -4.22 7.54
CA GLN C 53 -45.94 -4.39 8.21
C GLN C 53 -46.83 -5.46 7.58
N GLY C 54 -46.31 -6.14 6.56
CA GLY C 54 -47.07 -7.15 5.87
C GLY C 54 -47.85 -6.54 4.71
N HIS C 55 -48.20 -7.35 3.73
CA HIS C 55 -48.94 -6.86 2.57
C HIS C 55 -50.35 -6.42 2.94
N CYS C 56 -50.78 -5.31 2.34
CA CYS C 56 -52.11 -4.76 2.52
C CYS C 56 -52.57 -4.72 3.98
N HIS C 57 -51.74 -4.16 4.85
CA HIS C 57 -52.10 -4.08 6.25
C HIS C 57 -53.36 -3.23 6.39
N PRO C 58 -54.43 -3.79 6.96
CA PRO C 58 -55.73 -3.13 7.15
C PRO C 58 -55.66 -1.69 7.66
N LYS C 59 -54.88 -1.45 8.70
CA LYS C 59 -54.76 -0.10 9.25
C LYS C 59 -54.23 0.93 8.23
N ILE C 60 -53.20 0.56 7.49
CA ILE C 60 -52.60 1.45 6.50
C ILE C 60 -53.58 1.59 5.32
N VAL C 61 -54.21 0.48 4.93
CA VAL C 61 -55.18 0.48 3.83
C VAL C 61 -56.33 1.44 4.15
N ASN C 62 -56.79 1.42 5.40
CA ASN C 62 -57.89 2.30 5.83
C ASN C 62 -57.48 3.75 5.69
N ALA C 63 -56.26 4.06 6.13
CA ALA C 63 -55.73 5.42 6.06
C ALA C 63 -55.76 5.92 4.63
N LEU C 64 -55.36 5.06 3.70
CA LEU C 64 -55.33 5.42 2.29
C LEU C 64 -56.76 5.65 1.80
N LYS C 65 -57.64 4.72 2.11
CA LYS C 65 -59.03 4.81 1.70
C LYS C 65 -59.79 6.02 2.22
N SER C 66 -59.51 6.43 3.46
CA SER C 66 -60.21 7.59 4.01
C SER C 66 -59.75 8.89 3.37
N GLN C 67 -58.43 9.03 3.22
CA GLN C 67 -57.85 10.23 2.63
C GLN C 67 -58.12 10.43 1.14
N VAL C 68 -58.18 9.34 0.36
CA VAL C 68 -58.43 9.47 -1.08
C VAL C 68 -59.72 10.17 -1.44
N ASP C 69 -60.72 10.09 -0.57
CA ASP C 69 -62.02 10.73 -0.81
C ASP C 69 -61.96 12.21 -0.49
N LYS C 70 -60.93 12.62 0.24
CA LYS C 70 -60.79 14.02 0.65
C LYS C 70 -59.87 14.87 -0.21
N LEU C 71 -58.60 14.45 -0.30
CA LEU C 71 -57.59 15.19 -1.04
C LEU C 71 -56.38 14.27 -1.23
N THR C 72 -55.75 14.34 -2.40
CA THR C 72 -54.59 13.50 -2.67
C THR C 72 -53.34 14.31 -3.01
N LEU C 73 -53.53 15.42 -3.73
CA LEU C 73 -52.41 16.27 -4.15
C LEU C 73 -52.82 17.70 -4.44
N THR C 74 -52.12 18.64 -3.83
CA THR C 74 -52.37 20.06 -4.05
C THR C 74 -51.11 20.69 -4.63
N SER C 75 -49.99 20.02 -4.36
CA SER C 75 -48.65 20.41 -4.75
C SER C 75 -48.17 21.30 -3.61
N ARG C 76 -46.87 21.52 -3.53
CA ARG C 76 -46.32 22.34 -2.47
C ARG C 76 -46.45 23.83 -2.73
N ALA C 77 -47.24 24.18 -3.74
CA ALA C 77 -47.50 25.58 -4.06
C ALA C 77 -48.42 26.13 -2.98
N PHE C 78 -49.23 25.25 -2.40
CA PHE C 78 -50.17 25.60 -1.34
C PHE C 78 -49.95 24.63 -0.19
N TYR C 79 -50.57 24.91 0.94
CA TYR C 79 -50.47 24.05 2.12
C TYR C 79 -51.61 23.05 2.12
N ASN C 80 -51.41 21.91 2.76
CA ASN C 80 -52.44 20.89 2.91
C ASN C 80 -52.43 20.59 4.42
N ASN C 81 -53.60 20.34 4.99
CA ASN C 81 -53.73 20.08 6.42
C ASN C 81 -53.01 18.87 7.00
N VAL C 82 -52.71 17.89 6.17
CA VAL C 82 -52.06 16.65 6.63
C VAL C 82 -50.55 16.65 6.86
N LEU C 83 -49.79 17.23 5.93
CA LEU C 83 -48.32 17.26 6.02
C LEU C 83 -47.72 17.65 7.37
N GLY C 84 -48.14 18.80 7.91
CA GLY C 84 -47.63 19.25 9.18
C GLY C 84 -47.85 18.28 10.33
N GLU C 85 -48.97 17.55 10.29
CA GLU C 85 -49.30 16.58 11.32
C GLU C 85 -48.29 15.44 11.25
N TYR C 86 -48.01 15.00 10.03
CA TYR C 86 -47.07 13.93 9.78
C TYR C 86 -45.66 14.35 10.20
N GLU C 87 -45.28 15.56 9.82
CA GLU C 87 -43.96 16.09 10.15
C GLU C 87 -43.71 16.10 11.65
N GLU C 88 -44.67 16.64 12.40
CA GLU C 88 -44.56 16.68 13.85
C GLU C 88 -44.41 15.29 14.43
N TYR C 89 -45.17 14.36 13.86
CA TYR C 89 -45.15 12.98 14.29
C TYR C 89 -43.79 12.30 14.10
N ILE C 90 -43.30 12.31 12.86
CA ILE C 90 -42.03 11.65 12.54
C ILE C 90 -40.80 12.32 13.15
N THR C 91 -40.79 13.64 13.23
CA THR C 91 -39.64 14.33 13.82
C THR C 91 -39.51 14.00 15.29
N LYS C 92 -40.64 13.93 15.99
CA LYS C 92 -40.65 13.60 17.40
C LYS C 92 -40.35 12.12 17.64
N LEU C 93 -40.85 11.28 16.75
CA LEU C 93 -40.60 9.85 16.84
C LEU C 93 -39.10 9.57 16.76
N PHE C 94 -38.44 10.16 15.77
CA PHE C 94 -37.01 9.94 15.58
C PHE C 94 -36.10 10.96 16.27
N ASN C 95 -36.70 11.95 16.90
CA ASN C 95 -35.97 12.98 17.64
C ASN C 95 -35.04 13.89 16.82
N TYR C 96 -35.57 14.46 15.75
CA TYR C 96 -34.82 15.38 14.91
C TYR C 96 -35.65 16.64 14.74
N HIS C 97 -35.01 17.79 14.55
CA HIS C 97 -35.73 19.04 14.38
C HIS C 97 -36.75 19.03 13.25
N LYS C 98 -36.30 18.68 12.05
CA LYS C 98 -37.19 18.69 10.90
C LYS C 98 -37.07 17.47 10.00
N VAL C 99 -37.95 17.42 9.00
CA VAL C 99 -37.99 16.34 8.03
C VAL C 99 -38.27 16.97 6.67
N LEU C 100 -37.61 16.43 5.64
CA LEU C 100 -37.80 16.89 4.27
C LEU C 100 -38.48 15.69 3.61
N PRO C 101 -39.75 15.84 3.23
CA PRO C 101 -40.51 14.77 2.58
C PRO C 101 -40.25 14.61 1.08
N MET C 102 -40.03 13.38 0.65
CA MET C 102 -39.79 13.09 -0.76
C MET C 102 -40.57 11.81 -1.09
N ASN C 103 -40.36 11.26 -2.28
CA ASN C 103 -41.11 10.07 -2.68
C ASN C 103 -40.35 8.75 -2.67
N THR C 104 -39.26 8.68 -3.41
CA THR C 104 -38.50 7.43 -3.48
C THR C 104 -37.22 7.50 -2.66
N GLY C 105 -36.60 6.33 -2.48
CA GLY C 105 -35.36 6.23 -1.72
C GLY C 105 -34.23 7.04 -2.32
N VAL C 106 -34.04 6.95 -3.64
CA VAL C 106 -32.95 7.70 -4.29
C VAL C 106 -33.13 9.18 -4.04
N GLU C 107 -34.37 9.65 -4.11
CA GLU C 107 -34.66 11.05 -3.89
C GLU C 107 -34.22 11.51 -2.51
N ALA C 108 -34.39 10.64 -1.51
CA ALA C 108 -33.98 10.98 -0.15
C ALA C 108 -32.46 11.10 -0.18
N GLY C 109 -31.82 10.17 -0.89
CA GLY C 109 -30.37 10.17 -0.99
C GLY C 109 -29.88 11.45 -1.66
N GLU C 110 -30.50 11.82 -2.78
CA GLU C 110 -30.14 13.04 -3.51
C GLU C 110 -30.28 14.26 -2.61
N THR C 111 -31.37 14.28 -1.85
CA THR C 111 -31.63 15.37 -0.92
C THR C 111 -30.52 15.46 0.13
N ALA C 112 -30.07 14.31 0.62
CA ALA C 112 -29.01 14.27 1.61
C ALA C 112 -27.70 14.82 1.00
N CYS C 113 -27.41 14.43 -0.22
CA CYS C 113 -26.20 14.91 -0.91
C CYS C 113 -26.27 16.41 -1.08
N LYS C 114 -27.47 16.92 -1.41
CA LYS C 114 -27.67 18.35 -1.59
C LYS C 114 -27.56 19.08 -0.26
N LEU C 115 -28.09 18.49 0.81
CA LEU C 115 -28.00 19.09 2.14
C LEU C 115 -26.53 19.16 2.54
N ALA C 116 -25.83 18.03 2.40
CA ALA C 116 -24.41 17.93 2.75
C ALA C 116 -23.59 18.97 2.01
N ARG C 117 -23.79 19.04 0.69
CA ARG C 117 -23.07 19.99 -0.14
C ARG C 117 -23.38 21.43 0.27
N LYS C 118 -24.67 21.75 0.35
CA LYS C 118 -25.12 23.10 0.72
C LYS C 118 -24.53 23.50 2.08
N TRP C 119 -24.57 22.57 3.02
CA TRP C 119 -24.04 22.78 4.36
C TRP C 119 -22.53 22.97 4.29
N GLY C 120 -21.88 22.16 3.48
CA GLY C 120 -20.44 22.26 3.35
C GLY C 120 -19.98 23.65 2.94
N TYR C 121 -20.71 24.25 2.02
CA TYR C 121 -20.38 25.58 1.52
C TYR C 121 -20.81 26.72 2.41
N THR C 122 -22.07 26.70 2.82
CA THR C 122 -22.63 27.77 3.64
C THR C 122 -22.25 27.73 5.11
N VAL C 123 -22.08 26.55 5.67
CA VAL C 123 -21.73 26.43 7.09
C VAL C 123 -20.30 26.01 7.36
N LYS C 124 -19.82 24.98 6.68
CA LYS C 124 -18.44 24.53 6.90
C LYS C 124 -17.44 25.50 6.28
N GLY C 125 -17.82 26.09 5.15
CA GLY C 125 -16.95 27.04 4.50
C GLY C 125 -16.12 26.51 3.36
N ILE C 126 -16.46 25.32 2.86
CA ILE C 126 -15.73 24.72 1.75
C ILE C 126 -15.88 25.64 0.53
N GLN C 127 -14.83 25.76 -0.28
CA GLN C 127 -14.91 26.61 -1.45
C GLN C 127 -15.85 25.99 -2.47
N LYS C 128 -16.63 26.85 -3.13
CA LYS C 128 -17.60 26.43 -4.11
C LYS C 128 -17.19 25.37 -5.11
N TYR C 129 -17.89 24.26 -4.97
CA TYR C 129 -17.81 23.06 -5.78
C TYR C 129 -16.60 22.17 -5.61
N LYS C 130 -15.99 22.27 -4.44
CA LYS C 130 -14.85 21.44 -4.09
C LYS C 130 -15.24 20.45 -2.99
N ALA C 131 -16.52 20.47 -2.63
CA ALA C 131 -17.04 19.59 -1.60
C ALA C 131 -17.14 18.16 -2.08
N LYS C 132 -16.81 17.22 -1.21
CA LYS C 132 -16.90 15.81 -1.56
C LYS C 132 -17.67 15.02 -0.51
N ILE C 133 -18.29 13.95 -0.98
CA ILE C 133 -19.07 13.07 -0.11
C ILE C 133 -18.42 11.70 -0.26
N VAL C 134 -18.13 11.07 0.87
CA VAL C 134 -17.50 9.76 0.88
C VAL C 134 -18.57 8.69 1.00
N PHE C 135 -18.37 7.58 0.29
CA PHE C 135 -19.29 6.46 0.29
C PHE C 135 -18.47 5.21 0.54
N ALA C 136 -19.12 4.14 0.98
CA ALA C 136 -18.44 2.88 1.23
C ALA C 136 -18.69 1.96 0.05
N ALA C 137 -17.66 1.22 -0.36
CA ALA C 137 -17.78 0.28 -1.47
C ALA C 137 -18.89 -0.73 -1.18
N GLY C 138 -19.62 -1.10 -2.22
CA GLY C 138 -20.71 -2.05 -2.05
C GLY C 138 -22.02 -1.35 -1.77
N ASN C 139 -21.99 -0.02 -1.64
CA ASN C 139 -23.19 0.76 -1.36
C ASN C 139 -24.19 0.69 -2.51
N PHE C 140 -25.46 0.86 -2.17
CA PHE C 140 -26.52 0.88 -3.16
C PHE C 140 -27.61 1.77 -2.62
N TRP C 141 -27.87 2.88 -3.30
CA TRP C 141 -28.91 3.79 -2.84
C TRP C 141 -29.83 4.28 -3.93
N GLY C 142 -29.86 3.58 -5.06
CA GLY C 142 -30.72 4.01 -6.15
C GLY C 142 -30.14 3.85 -7.53
N ARG C 143 -30.84 4.40 -8.52
CA ARG C 143 -30.44 4.30 -9.91
C ARG C 143 -30.28 5.61 -10.67
N THR C 144 -30.20 6.73 -9.95
CA THR C 144 -30.00 7.99 -10.63
C THR C 144 -28.53 8.06 -11.03
N LEU C 145 -28.22 8.96 -11.96
CA LEU C 145 -26.84 9.14 -12.43
C LEU C 145 -25.90 9.31 -11.23
N SER C 146 -26.30 10.15 -10.26
CA SER C 146 -25.52 10.41 -9.05
C SER C 146 -25.35 9.18 -8.20
N ALA C 147 -26.43 8.43 -8.03
CA ALA C 147 -26.39 7.22 -7.21
C ALA C 147 -25.43 6.17 -7.78
N ILE C 148 -25.51 5.93 -9.08
CA ILE C 148 -24.64 4.95 -9.70
C ILE C 148 -23.18 5.44 -9.73
N SER C 149 -22.97 6.74 -9.60
CA SER C 149 -21.64 7.31 -9.61
C SER C 149 -20.86 6.89 -8.36
N SER C 150 -21.57 6.61 -7.27
CA SER C 150 -20.90 6.20 -6.04
C SER C 150 -20.80 4.67 -5.95
N SER C 151 -21.37 3.98 -6.93
CA SER C 151 -21.38 2.53 -6.94
C SER C 151 -20.07 1.88 -7.35
N THR C 152 -19.73 0.74 -6.76
CA THR C 152 -18.53 0.02 -7.16
C THR C 152 -18.98 -1.22 -7.95
N ASP C 153 -20.28 -1.31 -8.22
CA ASP C 153 -20.85 -2.42 -8.96
C ASP C 153 -21.02 -2.03 -10.43
N PRO C 154 -20.27 -2.69 -11.32
CA PRO C 154 -20.31 -2.43 -12.78
C PRO C 154 -21.72 -2.48 -13.39
N THR C 155 -22.57 -3.34 -12.86
CA THR C 155 -23.93 -3.46 -13.38
C THR C 155 -24.75 -2.17 -13.25
N SER C 156 -24.38 -1.33 -12.27
CA SER C 156 -25.10 -0.09 -12.04
C SER C 156 -24.52 1.09 -12.84
N TYR C 157 -23.20 1.16 -12.94
CA TYR C 157 -22.61 2.28 -13.64
C TYR C 157 -22.08 2.06 -15.05
N ASP C 158 -21.74 0.83 -15.40
CA ASP C 158 -21.18 0.58 -16.73
C ASP C 158 -22.12 0.98 -17.86
N GLY C 159 -21.60 1.79 -18.77
CA GLY C 159 -22.37 2.25 -19.92
C GLY C 159 -23.22 3.48 -19.65
N PHE C 160 -23.15 4.03 -18.45
CA PHE C 160 -23.97 5.18 -18.13
C PHE C 160 -23.26 6.53 -18.06
N GLY C 161 -22.71 6.91 -19.22
CA GLY C 161 -22.02 8.18 -19.43
C GLY C 161 -21.09 8.65 -18.34
N PRO C 162 -20.59 9.89 -18.45
CA PRO C 162 -19.68 10.47 -17.46
C PRO C 162 -20.35 10.51 -16.09
N PHE C 163 -19.57 10.29 -15.05
CA PHE C 163 -20.10 10.24 -13.71
C PHE C 163 -19.97 11.52 -12.90
N MET C 164 -20.75 11.57 -11.82
CA MET C 164 -20.79 12.71 -10.93
C MET C 164 -19.49 12.91 -10.15
N PRO C 165 -18.87 14.09 -10.28
CA PRO C 165 -17.63 14.37 -9.55
C PRO C 165 -17.92 14.64 -8.07
N GLY C 166 -16.89 14.55 -7.23
CA GLY C 166 -17.06 14.81 -5.81
C GLY C 166 -17.43 13.63 -4.96
N PHE C 167 -17.49 12.43 -5.55
CA PHE C 167 -17.85 11.22 -4.82
C PHE C 167 -16.65 10.32 -4.56
N ASP C 168 -16.21 10.23 -3.30
CA ASP C 168 -15.07 9.39 -2.94
C ASP C 168 -15.55 8.09 -2.34
N ILE C 169 -14.90 7.00 -2.71
CA ILE C 169 -15.28 5.68 -2.20
C ILE C 169 -14.16 5.06 -1.39
N ILE C 170 -14.53 4.46 -0.25
CA ILE C 170 -13.56 3.79 0.62
C ILE C 170 -14.16 2.42 0.98
N PRO C 171 -13.33 1.50 1.49
CA PRO C 171 -13.88 0.18 1.83
C PRO C 171 -14.90 0.30 2.96
N TYR C 172 -15.87 -0.60 2.98
CA TYR C 172 -16.88 -0.60 4.01
C TYR C 172 -16.31 -1.28 5.26
N ASN C 173 -16.85 -0.93 6.43
CA ASN C 173 -16.41 -1.54 7.70
C ASN C 173 -14.91 -1.33 7.89
N ASP C 174 -14.46 -0.10 7.64
CA ASP C 174 -13.05 0.23 7.72
C ASP C 174 -12.85 1.61 8.36
N LEU C 175 -12.67 1.65 9.68
CA LEU C 175 -12.46 2.91 10.38
C LEU C 175 -11.16 3.59 9.94
N PRO C 176 -10.06 2.83 9.80
CA PRO C 176 -8.82 3.50 9.38
C PRO C 176 -8.95 4.19 8.02
N ALA C 177 -9.66 3.56 7.07
CA ALA C 177 -9.85 4.13 5.75
C ALA C 177 -10.71 5.39 5.83
N LEU C 178 -11.72 5.37 6.68
CA LEU C 178 -12.59 6.53 6.86
C LEU C 178 -11.74 7.68 7.39
N GLU C 179 -11.01 7.43 8.47
CA GLU C 179 -10.16 8.43 9.09
C GLU C 179 -9.18 9.03 8.10
N ARG C 180 -8.61 8.18 7.26
CA ARG C 180 -7.68 8.63 6.25
C ARG C 180 -8.39 9.56 5.27
N ALA C 181 -9.59 9.16 4.87
CA ALA C 181 -10.40 9.94 3.93
C ALA C 181 -10.83 11.29 4.50
N LEU C 182 -11.11 11.33 5.79
CA LEU C 182 -11.56 12.56 6.43
C LEU C 182 -10.47 13.58 6.70
N GLN C 183 -9.27 13.34 6.18
CA GLN C 183 -8.16 14.28 6.37
C GLN C 183 -8.32 15.45 5.40
N ASP C 184 -9.10 15.24 4.34
CA ASP C 184 -9.36 16.27 3.35
C ASP C 184 -10.47 17.18 3.91
N PRO C 185 -10.12 18.45 4.21
CA PRO C 185 -11.09 19.41 4.74
C PRO C 185 -12.27 19.69 3.80
N ASN C 186 -12.19 19.24 2.55
CA ASN C 186 -13.27 19.44 1.59
C ASN C 186 -14.37 18.40 1.66
N VAL C 187 -14.21 17.41 2.54
CA VAL C 187 -15.21 16.38 2.70
C VAL C 187 -16.36 16.97 3.53
N ALA C 188 -17.56 16.93 2.98
CA ALA C 188 -18.73 17.46 3.67
C ALA C 188 -19.51 16.38 4.42
N ALA C 189 -19.51 15.16 3.89
CA ALA C 189 -20.25 14.08 4.53
C ALA C 189 -19.76 12.68 4.17
N PHE C 190 -20.28 11.71 4.91
CA PHE C 190 -19.99 10.31 4.70
C PHE C 190 -21.36 9.63 4.77
N MET C 191 -21.77 8.99 3.68
CA MET C 191 -23.06 8.32 3.64
C MET C 191 -22.82 6.82 3.77
N VAL C 192 -23.49 6.19 4.75
CA VAL C 192 -23.36 4.75 4.98
C VAL C 192 -24.64 4.08 5.39
N GLU C 193 -24.73 2.79 5.06
CA GLU C 193 -25.86 1.96 5.41
C GLU C 193 -25.37 1.21 6.64
N PRO C 194 -26.14 1.21 7.74
CA PRO C 194 -25.71 0.50 8.95
C PRO C 194 -25.42 -0.97 8.64
N ILE C 195 -26.10 -1.50 7.63
CA ILE C 195 -25.93 -2.86 7.14
C ILE C 195 -26.17 -2.74 5.65
N GLN C 196 -25.24 -3.20 4.83
CA GLN C 196 -25.43 -3.10 3.38
C GLN C 196 -26.34 -4.20 2.87
N GLY C 197 -27.54 -3.81 2.45
CA GLY C 197 -28.49 -4.76 1.93
C GLY C 197 -28.09 -5.43 0.64
N GLU C 198 -28.13 -4.68 -0.47
CA GLU C 198 -27.81 -5.25 -1.78
C GLU C 198 -26.39 -5.79 -1.96
N ALA C 199 -25.48 -5.39 -1.09
CA ALA C 199 -24.11 -5.90 -1.14
C ALA C 199 -24.13 -7.38 -0.71
N GLY C 200 -25.21 -7.77 -0.04
CA GLY C 200 -25.38 -9.14 0.42
C GLY C 200 -25.53 -9.20 1.93
N VAL C 201 -26.25 -8.24 2.50
CA VAL C 201 -26.48 -8.16 3.94
C VAL C 201 -25.14 -8.24 4.67
N VAL C 202 -24.24 -7.31 4.34
CA VAL C 202 -22.94 -7.29 4.98
C VAL C 202 -23.04 -6.43 6.24
N VAL C 203 -22.96 -7.10 7.39
CA VAL C 203 -23.04 -6.45 8.68
C VAL C 203 -21.63 -6.04 9.11
N PRO C 204 -21.44 -4.76 9.45
CA PRO C 204 -20.12 -4.28 9.87
C PRO C 204 -19.78 -4.82 11.26
N ASP C 205 -18.52 -4.74 11.65
CA ASP C 205 -18.11 -5.23 12.96
C ASP C 205 -18.66 -4.34 14.07
N PRO C 206 -18.95 -4.92 15.25
CA PRO C 206 -19.46 -4.11 16.35
C PRO C 206 -18.46 -3.00 16.65
N GLY C 207 -18.97 -1.78 16.84
CA GLY C 207 -18.11 -0.65 17.12
C GLY C 207 -17.90 0.22 15.89
N TYR C 208 -18.20 -0.32 14.71
CA TYR C 208 -18.04 0.43 13.46
C TYR C 208 -18.82 1.74 13.45
N LEU C 209 -20.12 1.66 13.73
CA LEU C 209 -20.97 2.84 13.72
C LEU C 209 -20.54 3.87 14.75
N MET C 210 -20.05 3.42 15.90
CA MET C 210 -19.57 4.32 16.93
C MET C 210 -18.31 5.02 16.42
N GLY C 211 -17.46 4.25 15.73
CA GLY C 211 -16.24 4.80 15.19
C GLY C 211 -16.55 5.84 14.13
N VAL C 212 -17.50 5.56 13.25
CA VAL C 212 -17.90 6.47 12.18
C VAL C 212 -18.39 7.78 12.79
N ARG C 213 -19.22 7.67 13.82
CA ARG C 213 -19.78 8.84 14.50
C ARG C 213 -18.65 9.65 15.15
N GLU C 214 -17.72 8.98 15.82
CA GLU C 214 -16.62 9.70 16.46
C GLU C 214 -15.76 10.41 15.42
N LEU C 215 -15.44 9.69 14.34
CA LEU C 215 -14.62 10.22 13.27
C LEU C 215 -15.26 11.41 12.55
N CYS C 216 -16.54 11.30 12.20
CA CYS C 216 -17.26 12.38 11.53
C CYS C 216 -17.32 13.62 12.42
N THR C 217 -17.66 13.42 13.68
CA THR C 217 -17.74 14.54 14.62
C THR C 217 -16.39 15.23 14.74
N ARG C 218 -15.35 14.45 14.93
CA ARG C 218 -14.01 14.99 15.09
C ARG C 218 -13.53 15.81 13.88
N HIS C 219 -13.99 15.45 12.69
CA HIS C 219 -13.57 16.16 11.49
C HIS C 219 -14.61 17.10 10.90
N GLN C 220 -15.66 17.40 11.65
CA GLN C 220 -16.73 18.28 11.19
C GLN C 220 -17.29 17.79 9.85
N VAL C 221 -17.64 16.50 9.81
CA VAL C 221 -18.19 15.86 8.63
C VAL C 221 -19.56 15.31 9.00
N LEU C 222 -20.53 15.45 8.11
CA LEU C 222 -21.87 14.94 8.38
C LEU C 222 -21.92 13.44 8.23
N PHE C 223 -22.58 12.79 9.19
CA PHE C 223 -22.73 11.35 9.18
C PHE C 223 -24.13 11.12 8.63
N ILE C 224 -24.22 10.63 7.40
CA ILE C 224 -25.52 10.37 6.78
C ILE C 224 -25.76 8.86 6.85
N ALA C 225 -26.82 8.46 7.53
CA ALA C 225 -27.14 7.05 7.65
C ALA C 225 -28.29 6.71 6.72
N ASP C 226 -28.04 5.82 5.77
CA ASP C 226 -29.07 5.38 4.85
C ASP C 226 -29.81 4.24 5.54
N GLU C 227 -30.96 4.54 6.13
CA GLU C 227 -31.77 3.55 6.83
C GLU C 227 -33.01 3.20 6.01
N ILE C 228 -32.94 3.45 4.71
CA ILE C 228 -34.05 3.19 3.80
C ILE C 228 -34.45 1.71 3.77
N GLN C 229 -33.50 0.83 4.07
CA GLN C 229 -33.80 -0.59 4.07
C GLN C 229 -33.61 -1.25 5.44
N THR C 230 -32.71 -0.72 6.24
CA THR C 230 -32.42 -1.27 7.56
C THR C 230 -33.28 -0.69 8.68
N GLY C 231 -33.87 0.47 8.44
CA GLY C 231 -34.67 1.10 9.46
C GLY C 231 -36.08 0.55 9.62
N LEU C 232 -36.88 1.25 10.42
CA LEU C 232 -38.27 0.88 10.67
C LEU C 232 -38.48 -0.58 11.11
N ALA C 233 -37.87 -0.94 12.23
CA ALA C 233 -37.97 -2.27 12.83
C ALA C 233 -37.37 -3.46 12.11
N ARG C 234 -37.02 -3.31 10.83
CA ARG C 234 -36.45 -4.40 10.03
C ARG C 234 -35.33 -5.20 10.70
N THR C 235 -34.37 -4.50 11.29
CA THR C 235 -33.24 -5.16 11.94
C THR C 235 -33.46 -5.44 13.42
N GLY C 236 -34.58 -5.01 13.96
CA GLY C 236 -34.85 -5.25 15.37
C GLY C 236 -34.89 -3.99 16.21
N ARG C 237 -34.73 -2.84 15.58
CA ARG C 237 -34.76 -1.55 16.27
C ARG C 237 -35.46 -0.56 15.34
N TRP C 238 -35.79 0.63 15.85
CA TRP C 238 -36.42 1.65 15.02
C TRP C 238 -35.45 1.98 13.88
N LEU C 239 -34.17 2.03 14.22
CA LEU C 239 -33.09 2.27 13.25
C LEU C 239 -31.99 1.30 13.61
N ALA C 240 -31.36 0.70 12.60
CA ALA C 240 -30.26 -0.25 12.83
C ALA C 240 -29.16 0.39 13.68
N VAL C 241 -28.96 1.68 13.46
CA VAL C 241 -27.94 2.45 14.17
C VAL C 241 -28.19 2.49 15.69
N ASP C 242 -29.43 2.21 16.10
CA ASP C 242 -29.79 2.20 17.52
C ASP C 242 -29.03 1.12 18.29
N TYR C 243 -28.57 0.10 17.57
CA TYR C 243 -27.82 -0.99 18.17
C TYR C 243 -26.56 -0.52 18.88
N GLU C 244 -26.03 0.62 18.45
CA GLU C 244 -24.83 1.18 19.06
C GLU C 244 -25.09 2.56 19.64
N ASN C 245 -26.36 2.95 19.71
CA ASN C 245 -26.74 4.25 20.27
C ASN C 245 -26.09 5.42 19.53
N VAL C 246 -25.97 5.29 18.23
CA VAL C 246 -25.34 6.34 17.42
C VAL C 246 -26.41 7.25 16.85
N ARG C 247 -26.14 8.56 16.86
CA ARG C 247 -27.08 9.53 16.30
C ARG C 247 -26.46 10.18 15.06
N PRO C 248 -26.83 9.68 13.87
CA PRO C 248 -26.30 10.23 12.62
C PRO C 248 -26.73 11.69 12.49
N ASP C 249 -26.07 12.42 11.61
CA ASP C 249 -26.42 13.82 11.39
C ASP C 249 -27.68 13.89 10.53
N ILE C 250 -27.79 12.95 9.59
CA ILE C 250 -28.93 12.88 8.69
C ILE C 250 -29.37 11.42 8.59
N VAL C 251 -30.66 11.17 8.67
CA VAL C 251 -31.18 9.81 8.56
C VAL C 251 -32.12 9.74 7.37
N LEU C 252 -31.95 8.72 6.54
CA LEU C 252 -32.78 8.53 5.35
C LEU C 252 -33.74 7.36 5.57
N LEU C 253 -35.01 7.60 5.33
CA LEU C 253 -36.03 6.57 5.50
C LEU C 253 -36.81 6.46 4.21
N GLY C 254 -37.39 5.29 3.97
CA GLY C 254 -38.17 5.07 2.76
C GLY C 254 -38.86 3.73 2.87
N LYS C 255 -39.08 3.09 1.73
CA LYS C 255 -39.71 1.78 1.65
C LYS C 255 -40.88 1.50 2.60
N ALA C 256 -40.59 0.88 3.75
CA ALA C 256 -41.61 0.53 4.72
C ALA C 256 -42.28 1.73 5.39
N LEU C 257 -41.83 2.93 5.06
CA LEU C 257 -42.43 4.14 5.62
C LEU C 257 -43.90 4.26 5.23
N SER C 258 -44.34 3.48 4.24
CA SER C 258 -45.71 3.51 3.78
C SER C 258 -46.33 2.10 3.75
N GLY C 259 -45.58 1.11 4.20
CA GLY C 259 -46.07 -0.25 4.19
C GLY C 259 -46.24 -0.80 2.79
N GLY C 260 -45.63 -0.13 1.82
CA GLY C 260 -45.71 -0.57 0.43
C GLY C 260 -46.96 -0.10 -0.29
N LEU C 261 -47.68 0.85 0.29
CA LEU C 261 -48.91 1.37 -0.30
C LEU C 261 -48.74 2.68 -1.05
N TYR C 262 -47.57 3.30 -0.94
CA TYR C 262 -47.33 4.57 -1.58
C TYR C 262 -45.85 4.91 -1.49
N PRO C 263 -45.27 5.51 -2.54
CA PRO C 263 -43.84 5.85 -2.46
C PRO C 263 -43.65 7.05 -1.54
N VAL C 264 -43.20 6.80 -0.32
CA VAL C 264 -42.96 7.87 0.64
C VAL C 264 -41.53 7.73 1.14
N SER C 265 -40.81 8.85 1.18
CA SER C 265 -39.41 8.87 1.59
C SER C 265 -39.20 10.05 2.54
N ALA C 266 -38.18 9.97 3.39
CA ALA C 266 -37.92 11.04 4.35
C ALA C 266 -36.45 11.22 4.68
N VAL C 267 -36.05 12.47 4.88
CA VAL C 267 -34.69 12.80 5.27
C VAL C 267 -34.79 13.67 6.53
N LEU C 268 -34.26 13.13 7.62
CA LEU C 268 -34.31 13.78 8.94
C LEU C 268 -32.98 14.38 9.37
N CYS C 269 -33.03 15.58 9.91
CA CYS C 269 -31.85 16.27 10.42
C CYS C 269 -32.25 17.51 11.18
N ASP C 270 -31.30 18.08 11.93
CA ASP C 270 -31.54 19.28 12.71
C ASP C 270 -31.50 20.55 11.88
N ASP C 271 -31.96 21.65 12.47
CA ASP C 271 -32.02 22.96 11.82
C ASP C 271 -30.72 23.47 11.20
N ASP C 272 -29.60 23.31 11.92
CA ASP C 272 -28.32 23.79 11.42
C ASP C 272 -27.97 23.19 10.05
N ILE C 273 -28.50 22.01 9.77
CA ILE C 273 -28.25 21.37 8.49
C ILE C 273 -29.42 21.57 7.54
N MET C 274 -30.62 21.24 8.01
CA MET C 274 -31.85 21.33 7.22
C MET C 274 -32.10 22.70 6.62
N LEU C 275 -31.90 23.74 7.42
CA LEU C 275 -32.16 25.10 6.97
C LEU C 275 -31.14 25.73 6.05
N THR C 276 -30.17 24.96 5.57
CA THR C 276 -29.18 25.48 4.64
C THR C 276 -29.86 25.62 3.27
N ILE C 277 -30.93 24.86 3.08
CA ILE C 277 -31.70 24.92 1.83
C ILE C 277 -32.85 25.91 2.02
N LYS C 278 -32.84 26.97 1.23
CA LYS C 278 -33.85 28.02 1.28
C LYS C 278 -35.08 27.70 0.44
N PRO C 279 -36.16 28.48 0.63
CA PRO C 279 -37.41 28.28 -0.12
C PRO C 279 -37.15 28.36 -1.62
N GLY C 280 -37.65 27.37 -2.35
CA GLY C 280 -37.49 27.33 -3.80
C GLY C 280 -36.20 26.68 -4.28
N GLU C 281 -35.37 26.18 -3.37
CA GLU C 281 -34.11 25.56 -3.77
C GLU C 281 -34.15 24.04 -3.87
N HIS C 282 -35.23 23.43 -3.42
CA HIS C 282 -35.35 21.98 -3.52
C HIS C 282 -36.79 21.55 -3.30
N GLY C 283 -37.19 20.48 -3.97
CA GLY C 283 -38.55 20.01 -3.82
C GLY C 283 -38.87 18.79 -4.65
N SER C 284 -40.16 18.60 -4.88
CA SER C 284 -40.68 17.46 -5.63
C SER C 284 -42.17 17.72 -5.79
N THR C 285 -42.76 17.31 -6.91
CA THR C 285 -44.19 17.50 -7.11
C THR C 285 -45.03 16.74 -6.05
N TYR C 286 -44.77 15.45 -5.89
CA TYR C 286 -45.51 14.62 -4.94
C TYR C 286 -45.03 14.61 -3.50
N GLY C 287 -43.82 15.10 -3.26
CA GLY C 287 -43.27 15.10 -1.92
C GLY C 287 -44.13 15.82 -0.90
N GLY C 288 -44.53 15.09 0.14
CA GLY C 288 -45.33 15.68 1.20
C GLY C 288 -46.81 15.78 0.89
N ASN C 289 -47.29 15.02 -0.08
CA ASN C 289 -48.71 15.06 -0.43
C ASN C 289 -49.57 14.46 0.70
N PRO C 290 -50.83 14.89 0.82
CA PRO C 290 -51.79 14.45 1.83
C PRO C 290 -51.95 12.94 1.95
N LEU C 291 -52.15 12.29 0.81
CA LEU C 291 -52.35 10.84 0.76
C LEU C 291 -51.16 10.07 1.30
N GLY C 292 -49.96 10.40 0.83
CA GLY C 292 -48.77 9.72 1.29
C GLY C 292 -48.51 9.94 2.76
N CYS C 293 -48.88 11.11 3.27
CA CYS C 293 -48.68 11.42 4.68
C CYS C 293 -49.57 10.61 5.62
N ARG C 294 -50.81 10.37 5.21
CA ARG C 294 -51.73 9.59 6.04
C ARG C 294 -51.25 8.14 6.10
N VAL C 295 -50.83 7.59 4.96
CA VAL C 295 -50.35 6.22 4.94
C VAL C 295 -49.06 6.11 5.76
N ALA C 296 -48.21 7.13 5.68
CA ALA C 296 -46.94 7.14 6.42
C ALA C 296 -47.18 7.11 7.92
N ILE C 297 -48.10 7.96 8.41
CA ILE C 297 -48.44 8.02 9.83
C ILE C 297 -48.97 6.65 10.28
N ALA C 298 -49.87 6.07 9.47
CA ALA C 298 -50.45 4.77 9.78
C ALA C 298 -49.40 3.67 9.79
N ALA C 299 -48.51 3.67 8.80
CA ALA C 299 -47.46 2.67 8.70
C ALA C 299 -46.53 2.72 9.91
N LEU C 300 -46.25 3.93 10.39
CA LEU C 300 -45.39 4.12 11.55
C LEU C 300 -46.10 3.65 12.82
N GLU C 301 -47.40 3.93 12.91
CA GLU C 301 -48.17 3.51 14.07
C GLU C 301 -48.22 2.00 14.17
N VAL C 302 -48.42 1.32 13.04
CA VAL C 302 -48.45 -0.14 13.02
C VAL C 302 -47.16 -0.69 13.64
N LEU C 303 -46.02 -0.18 13.18
CA LEU C 303 -44.71 -0.60 13.68
C LEU C 303 -44.62 -0.44 15.20
N GLU C 304 -45.16 0.67 15.69
CA GLU C 304 -45.16 0.99 17.11
C GLU C 304 -46.10 0.07 17.90
N GLU C 305 -47.40 0.18 17.62
CA GLU C 305 -48.44 -0.59 18.28
C GLU C 305 -48.19 -2.08 18.33
N GLU C 306 -47.79 -2.66 17.20
CA GLU C 306 -47.55 -4.09 17.13
C GLU C 306 -46.14 -4.53 17.56
N ASN C 307 -45.37 -3.60 18.12
CA ASN C 307 -44.01 -3.90 18.59
C ASN C 307 -43.24 -4.79 17.63
N LEU C 308 -43.32 -4.46 16.35
CA LEU C 308 -42.66 -5.25 15.31
C LEU C 308 -41.14 -5.33 15.45
N ALA C 309 -40.54 -4.32 16.08
CA ALA C 309 -39.09 -4.30 16.25
C ALA C 309 -38.66 -5.45 17.15
N GLU C 310 -39.24 -5.53 18.35
CA GLU C 310 -38.89 -6.60 19.28
C GLU C 310 -39.20 -7.97 18.68
N ASN C 311 -40.24 -8.04 17.86
CA ASN C 311 -40.60 -9.30 17.21
C ASN C 311 -39.48 -9.70 16.25
N ALA C 312 -39.07 -8.74 15.41
CA ALA C 312 -38.01 -8.94 14.43
C ALA C 312 -36.71 -9.41 15.08
N ASP C 313 -36.38 -8.79 16.21
CA ASP C 313 -35.19 -9.13 16.95
C ASP C 313 -35.27 -10.59 17.45
N LYS C 314 -36.35 -10.92 18.14
CA LYS C 314 -36.54 -12.27 18.68
C LYS C 314 -36.50 -13.36 17.60
N LEU C 315 -37.37 -13.24 16.60
CA LEU C 315 -37.45 -14.22 15.52
C LEU C 315 -36.22 -14.32 14.62
N GLY C 316 -35.49 -13.20 14.45
CA GLY C 316 -34.30 -13.22 13.62
C GLY C 316 -33.26 -14.16 14.18
N ILE C 317 -33.14 -14.16 15.50
CA ILE C 317 -32.20 -15.01 16.20
C ILE C 317 -32.50 -16.47 15.86
N ILE C 318 -33.77 -16.84 15.97
CA ILE C 318 -34.23 -18.19 15.68
C ILE C 318 -33.89 -18.55 14.23
N LEU C 319 -34.24 -17.64 13.33
CA LEU C 319 -34.02 -17.83 11.91
C LEU C 319 -32.55 -18.14 11.62
N ARG C 320 -31.66 -17.31 12.16
CA ARG C 320 -30.23 -17.51 11.96
C ARG C 320 -29.69 -18.77 12.61
N ASN C 321 -30.10 -19.04 13.85
CA ASN C 321 -29.65 -20.21 14.56
C ASN C 321 -30.02 -21.49 13.81
N GLU C 322 -31.23 -21.52 13.27
CA GLU C 322 -31.68 -22.68 12.52
C GLU C 322 -30.92 -22.81 11.21
N LEU C 323 -30.76 -21.69 10.50
CA LEU C 323 -30.04 -21.69 9.22
C LEU C 323 -28.61 -22.17 9.39
N MET C 324 -28.01 -21.83 10.52
CA MET C 324 -26.63 -22.24 10.79
C MET C 324 -26.46 -23.75 10.98
N LYS C 325 -27.58 -24.45 11.16
CA LYS C 325 -27.57 -25.90 11.35
C LYS C 325 -27.39 -26.60 10.01
N LEU C 326 -27.49 -25.85 8.92
CA LEU C 326 -27.31 -26.42 7.58
C LEU C 326 -25.85 -26.78 7.32
N PRO C 327 -25.61 -27.78 6.46
CA PRO C 327 -24.27 -28.23 6.12
C PRO C 327 -23.39 -27.18 5.45
N SER C 328 -22.18 -27.01 5.99
CA SER C 328 -21.21 -26.04 5.50
C SER C 328 -20.84 -26.22 4.02
N ASP C 329 -20.92 -27.45 3.51
CA ASP C 329 -20.61 -27.73 2.11
C ASP C 329 -21.73 -27.16 1.23
N VAL C 330 -22.81 -26.75 1.89
CA VAL C 330 -23.99 -26.18 1.24
C VAL C 330 -24.06 -24.68 1.50
N VAL C 331 -24.29 -24.32 2.76
CA VAL C 331 -24.39 -22.93 3.18
C VAL C 331 -23.08 -22.57 3.85
N THR C 332 -22.31 -21.71 3.18
CA THR C 332 -21.01 -21.27 3.67
C THR C 332 -21.06 -20.14 4.70
N ALA C 333 -22.20 -19.46 4.80
CA ALA C 333 -22.34 -18.36 5.76
C ALA C 333 -23.79 -17.95 5.97
N VAL C 334 -24.09 -17.49 7.18
CA VAL C 334 -25.43 -17.03 7.55
C VAL C 334 -25.22 -15.72 8.29
N ARG C 335 -25.86 -14.65 7.83
CA ARG C 335 -25.70 -13.35 8.47
C ARG C 335 -26.95 -12.48 8.46
N GLY C 336 -26.97 -11.49 9.34
CA GLY C 336 -28.08 -10.56 9.42
C GLY C 336 -28.39 -10.03 10.81
N LYS C 337 -29.43 -9.21 10.90
CA LYS C 337 -29.91 -8.63 12.16
C LYS C 337 -31.41 -8.53 11.99
N GLY C 338 -32.14 -8.85 13.06
CA GLY C 338 -33.60 -8.81 13.00
C GLY C 338 -34.03 -9.68 11.83
N LEU C 339 -34.97 -9.22 11.03
CA LEU C 339 -35.40 -10.02 9.88
C LEU C 339 -34.74 -9.64 8.55
N LEU C 340 -33.53 -9.09 8.63
CA LEU C 340 -32.76 -8.75 7.44
C LEU C 340 -31.60 -9.75 7.51
N ASN C 341 -31.76 -10.87 6.82
CA ASN C 341 -30.76 -11.92 6.84
C ASN C 341 -30.42 -12.44 5.47
N ALA C 342 -29.35 -13.23 5.39
CA ALA C 342 -28.91 -13.80 4.13
C ALA C 342 -28.02 -15.02 4.34
N ILE C 343 -28.04 -15.95 3.39
CA ILE C 343 -27.20 -17.13 3.46
C ILE C 343 -26.34 -17.14 2.20
N VAL C 344 -25.11 -17.65 2.31
CA VAL C 344 -24.23 -17.71 1.17
C VAL C 344 -24.15 -19.15 0.69
N ILE C 345 -24.64 -19.37 -0.52
CA ILE C 345 -24.67 -20.67 -1.16
C ILE C 345 -23.33 -20.99 -1.82
N LYS C 346 -22.78 -22.16 -1.51
CA LYS C 346 -21.53 -22.58 -2.11
C LYS C 346 -21.87 -23.04 -3.53
N GLU C 347 -21.75 -22.14 -4.50
CA GLU C 347 -22.06 -22.45 -5.90
C GLU C 347 -21.11 -23.52 -6.43
N THR C 348 -21.67 -24.60 -6.95
CA THR C 348 -20.88 -25.69 -7.50
C THR C 348 -21.35 -26.02 -8.90
N LYS C 349 -20.77 -27.08 -9.47
CA LYS C 349 -21.09 -27.52 -10.82
C LYS C 349 -22.58 -27.52 -11.14
N ASP C 350 -23.38 -28.13 -10.27
CA ASP C 350 -24.81 -28.19 -10.50
C ASP C 350 -25.62 -27.04 -9.94
N TRP C 351 -25.69 -26.91 -8.62
CA TRP C 351 -26.51 -25.86 -8.03
C TRP C 351 -25.94 -24.44 -7.91
N ASP C 352 -26.86 -23.50 -7.66
CA ASP C 352 -26.55 -22.08 -7.47
C ASP C 352 -27.76 -21.43 -6.80
N ALA C 353 -27.59 -20.20 -6.32
CA ALA C 353 -28.66 -19.48 -5.63
C ALA C 353 -29.97 -19.34 -6.39
N TRP C 354 -29.90 -19.15 -7.71
CA TRP C 354 -31.10 -19.01 -8.53
C TRP C 354 -31.89 -20.31 -8.49
N LYS C 355 -31.19 -21.42 -8.69
CA LYS C 355 -31.81 -22.74 -8.67
C LYS C 355 -32.45 -22.99 -7.31
N VAL C 356 -31.73 -22.65 -6.25
CA VAL C 356 -32.26 -22.82 -4.90
C VAL C 356 -33.55 -22.01 -4.76
N CYS C 357 -33.54 -20.79 -5.29
CA CYS C 357 -34.71 -19.93 -5.23
C CYS C 357 -35.86 -20.43 -6.10
N LEU C 358 -35.53 -21.09 -7.21
CA LEU C 358 -36.56 -21.64 -8.08
C LEU C 358 -37.25 -22.80 -7.36
N ARG C 359 -36.46 -23.67 -6.74
CA ARG C 359 -36.99 -24.82 -6.01
C ARG C 359 -37.69 -24.35 -4.74
N LEU C 360 -37.15 -23.31 -4.12
CA LEU C 360 -37.71 -22.72 -2.92
C LEU C 360 -39.11 -22.24 -3.28
N ARG C 361 -39.22 -21.64 -4.46
CA ARG C 361 -40.48 -21.14 -5.00
C ARG C 361 -41.45 -22.32 -5.12
N ASP C 362 -40.96 -23.41 -5.69
CA ASP C 362 -41.75 -24.63 -5.86
C ASP C 362 -42.23 -25.18 -4.54
N ASN C 363 -41.50 -24.91 -3.47
CA ASN C 363 -41.89 -25.40 -2.15
C ASN C 363 -42.70 -24.38 -1.35
N GLY C 364 -43.14 -23.32 -2.01
CA GLY C 364 -43.95 -22.31 -1.36
C GLY C 364 -43.28 -21.14 -0.65
N LEU C 365 -42.03 -20.84 -0.98
CA LEU C 365 -41.33 -19.74 -0.35
C LEU C 365 -40.66 -18.86 -1.40
N LEU C 366 -40.94 -17.56 -1.36
CA LEU C 366 -40.38 -16.61 -2.33
C LEU C 366 -39.18 -15.81 -1.81
N ALA C 367 -38.06 -15.94 -2.50
CA ALA C 367 -36.83 -15.23 -2.17
C ALA C 367 -36.03 -15.04 -3.45
N LYS C 368 -35.03 -14.17 -3.41
CA LYS C 368 -34.19 -13.90 -4.58
C LYS C 368 -32.72 -13.69 -4.19
N PRO C 369 -31.80 -14.18 -5.01
CA PRO C 369 -30.37 -14.02 -4.74
C PRO C 369 -29.90 -12.59 -5.02
N THR C 370 -29.04 -12.05 -4.16
CA THR C 370 -28.54 -10.69 -4.33
C THR C 370 -27.32 -10.64 -5.24
N HIS C 371 -26.37 -11.54 -5.02
CA HIS C 371 -25.16 -11.56 -5.83
C HIS C 371 -24.76 -12.93 -6.35
N GLY C 372 -25.69 -13.62 -7.00
CA GLY C 372 -25.41 -14.92 -7.56
C GLY C 372 -25.31 -16.08 -6.58
N ASP C 373 -24.61 -15.88 -5.46
CA ASP C 373 -24.46 -16.92 -4.47
C ASP C 373 -24.97 -16.51 -3.10
N ILE C 374 -25.62 -15.36 -3.03
CA ILE C 374 -26.14 -14.87 -1.76
C ILE C 374 -27.66 -14.81 -1.85
N ILE C 375 -28.35 -15.45 -0.89
CA ILE C 375 -29.81 -15.44 -0.88
C ILE C 375 -30.30 -14.68 0.33
N ARG C 376 -31.18 -13.70 0.10
CA ARG C 376 -31.74 -12.91 1.19
C ARG C 376 -33.02 -13.54 1.74
N PHE C 377 -33.14 -13.49 3.06
CA PHE C 377 -34.30 -14.01 3.76
C PHE C 377 -34.81 -12.89 4.65
N ALA C 378 -35.84 -12.19 4.16
CA ALA C 378 -36.42 -11.08 4.90
C ALA C 378 -37.95 -11.06 4.80
N PRO C 379 -38.62 -11.87 5.64
CA PRO C 379 -40.09 -11.95 5.65
C PRO C 379 -40.71 -10.82 6.46
N PRO C 380 -41.97 -10.43 6.14
CA PRO C 380 -42.63 -9.34 6.87
C PRO C 380 -42.49 -9.51 8.39
N LEU C 381 -42.29 -8.39 9.07
CA LEU C 381 -42.09 -8.37 10.50
C LEU C 381 -43.30 -8.86 11.31
N VAL C 382 -44.42 -9.05 10.62
CA VAL C 382 -45.65 -9.52 11.26
C VAL C 382 -45.69 -11.05 11.33
N ILE C 383 -44.63 -11.69 10.88
CA ILE C 383 -44.56 -13.14 10.89
C ILE C 383 -44.55 -13.68 12.34
N LYS C 384 -45.10 -14.87 12.52
CA LYS C 384 -45.17 -15.51 13.83
C LYS C 384 -44.13 -16.62 13.91
N GLU C 385 -43.77 -17.02 15.12
CA GLU C 385 -42.77 -18.07 15.31
C GLU C 385 -43.06 -19.38 14.60
N ASP C 386 -44.32 -19.82 14.67
CA ASP C 386 -44.71 -21.07 14.01
C ASP C 386 -44.61 -20.93 12.50
N GLU C 387 -45.05 -19.78 11.99
CA GLU C 387 -45.01 -19.50 10.56
C GLU C 387 -43.56 -19.46 10.12
N LEU C 388 -42.71 -18.86 10.95
CA LEU C 388 -41.28 -18.78 10.68
C LEU C 388 -40.71 -20.18 10.67
N ARG C 389 -41.10 -20.97 11.67
CA ARG C 389 -40.65 -22.34 11.81
C ARG C 389 -41.05 -23.18 10.58
N GLU C 390 -42.24 -22.92 10.05
CA GLU C 390 -42.70 -23.66 8.88
C GLU C 390 -41.85 -23.30 7.67
N SER C 391 -41.66 -22.01 7.45
CA SER C 391 -40.85 -21.55 6.32
C SER C 391 -39.42 -22.06 6.47
N ILE C 392 -38.91 -22.06 7.70
CA ILE C 392 -37.56 -22.56 7.96
C ILE C 392 -37.45 -24.00 7.46
N GLU C 393 -38.47 -24.81 7.69
CA GLU C 393 -38.45 -26.19 7.23
C GLU C 393 -38.51 -26.28 5.70
N ILE C 394 -39.19 -25.32 5.08
CA ILE C 394 -39.29 -25.27 3.62
C ILE C 394 -37.89 -24.97 3.07
N ILE C 395 -37.17 -24.12 3.79
CA ILE C 395 -35.81 -23.76 3.41
C ILE C 395 -34.93 -25.00 3.56
N ASN C 396 -35.06 -25.69 4.70
CA ASN C 396 -34.27 -26.89 4.99
C ASN C 396 -34.43 -27.97 3.92
N LYS C 397 -35.67 -28.36 3.64
CA LYS C 397 -35.93 -29.40 2.64
C LYS C 397 -35.38 -29.04 1.28
N THR C 398 -35.62 -27.80 0.85
CA THR C 398 -35.12 -27.33 -0.43
C THR C 398 -33.60 -27.38 -0.48
N ILE C 399 -32.97 -26.85 0.55
CA ILE C 399 -31.51 -26.84 0.64
C ILE C 399 -30.96 -28.26 0.62
N LEU C 400 -31.63 -29.16 1.33
CA LEU C 400 -31.19 -30.55 1.42
C LEU C 400 -31.70 -31.47 0.32
N SER C 401 -32.24 -30.91 -0.75
CA SER C 401 -32.75 -31.74 -1.85
C SER C 401 -31.81 -31.76 -3.05
N PHE C 402 -30.70 -31.02 -2.96
CA PHE C 402 -29.73 -30.96 -4.04
C PHE C 402 -28.62 -31.99 -3.83
#